data_2G5W
#
_entry.id   2G5W
#
_cell.length_a   79.702
_cell.length_b   86.608
_cell.length_c   123.583
_cell.angle_alpha   90.00
_cell.angle_beta   90.00
_cell.angle_gamma   90.00
#
_symmetry.space_group_name_H-M   'P 21 21 21'
#
loop_
_entity.id
_entity.type
_entity.pdbx_description
1 polymer '12-oxophytodienoate reductase 3'
2 non-polymer 'FLAVIN MONONUCLEOTIDE'
3 non-polymer '(8S,12S)-15S-HYDROXY-9-OXOPROSTA-10Z,13E-DIEN-1-OIC ACID'
4 water water
#
_entity_poly.entity_id   1
_entity_poly.type   'polypeptide(L)'
_entity_poly.pdbx_seq_one_letter_code
;MTAAQGNSNETLFSSYKMGRFDLSHRVVLAPMTRCRALNGVPNAALAEYYAQRTTPGGFLISEGTMVSPGSAGFPHVPGI
YSDEQVEAWKQVVEAVHAKGGFIFCQLWHVGRASHAVYQPNGGSPISSTNKPISENRWRVLLPDGSHVKYPKPRALEASE
IPRVVEDYCLSALNAIRAGFDGIEIHGAHGYLIDQFLKDGINDRTDQYGGSIANRCRFLKQVVEGVVSAIGASKVGVRVS
PAIDHLDATDSDPLSLGLAVVGMLNKLQGVNGSKLAYLHVTQPRYHAYGQTESGRQGSDEEEAKLMKSLRMAYNGTFMSS
GGFNKELGMQAVQQGDADLVSYGRLFIANPDLVSRFKIDGELNKYNRKTFYTQDPVVGYTDYPFLAPFSRL
;
_entity_poly.pdbx_strand_id   A,B
#
loop_
_chem_comp.id
_chem_comp.type
_chem_comp.name
_chem_comp.formula
8PG non-polymer '(8S,12S)-15S-HYDROXY-9-OXOPROSTA-10Z,13E-DIEN-1-OIC ACID' 'C20 H32 O4'
FMN non-polymer 'FLAVIN MONONUCLEOTIDE' 'C17 H21 N4 O9 P'
#
# COMPACT_ATOMS: atom_id res chain seq x y z
N SER A 8 22.91 -2.27 19.53
CA SER A 8 23.20 -3.63 18.98
C SER A 8 21.94 -4.51 18.94
N ASN A 9 20.80 -3.93 19.29
CA ASN A 9 19.50 -4.60 19.19
C ASN A 9 18.66 -4.10 18.00
N GLU A 10 19.22 -3.16 17.25
CA GLU A 10 18.57 -2.60 16.07
C GLU A 10 18.80 -3.48 14.85
N THR A 11 17.79 -3.60 14.01
CA THR A 11 17.86 -4.45 12.81
C THR A 11 17.33 -3.73 11.57
N LEU A 12 17.42 -4.42 10.43
CA LEU A 12 16.85 -3.92 9.18
C LEU A 12 15.35 -3.64 9.31
N PHE A 13 14.76 -4.12 10.40
CA PHE A 13 13.33 -4.00 10.63
C PHE A 13 12.97 -3.05 11.75
N SER A 14 13.97 -2.38 12.31
CA SER A 14 13.73 -1.32 13.30
C SER A 14 13.23 -0.07 12.60
N SER A 15 12.30 0.63 13.23
CA SER A 15 11.82 1.90 12.68
C SER A 15 12.93 2.95 12.74
N TYR A 16 12.79 4.02 11.96
CA TYR A 16 13.79 5.07 11.92
C TYR A 16 13.17 6.42 11.60
N LYS A 17 13.69 7.48 12.23
CA LYS A 17 13.23 8.84 11.95
C LYS A 17 14.21 9.57 11.04
N MET A 18 13.79 9.81 9.79
CA MET A 18 14.61 10.53 8.84
C MET A 18 14.15 11.98 8.72
N GLY A 19 14.42 12.76 9.76
CA GLY A 19 13.98 14.14 9.85
C GLY A 19 12.46 14.23 9.80
N ARG A 20 11.92 14.47 8.62
CA ARG A 20 10.48 14.61 8.43
C ARG A 20 9.78 13.23 8.39
N PHE A 21 10.50 12.21 7.93
CA PHE A 21 9.87 10.95 7.57
C PHE A 21 10.15 9.83 8.57
N ASP A 22 9.08 9.26 9.12
CA ASP A 22 9.17 8.16 10.06
C ASP A 22 9.14 6.83 9.32
N LEU A 23 10.28 6.17 9.23
CA LEU A 23 10.40 4.91 8.49
C LEU A 23 10.08 3.68 9.34
N SER A 24 9.41 2.70 8.73
CA SER A 24 9.04 1.47 9.41
C SER A 24 10.18 0.46 9.49
N HIS A 25 11.13 0.59 8.56
CA HIS A 25 12.26 -0.33 8.45
C HIS A 25 13.43 0.32 7.71
N ARG A 26 14.54 -0.41 7.57
CA ARG A 26 15.77 0.15 7.01
C ARG A 26 16.04 -0.23 5.54
N VAL A 27 15.19 -1.06 4.96
CA VAL A 27 15.42 -1.57 3.60
C VAL A 27 14.96 -0.57 2.55
N VAL A 28 15.92 -0.06 1.78
CA VAL A 28 15.67 1.03 0.84
C VAL A 28 15.81 0.51 -0.59
N LEU A 29 14.94 1.02 -1.47
CA LEU A 29 15.06 0.76 -2.90
C LEU A 29 16.10 1.71 -3.48
N ALA A 30 17.19 1.14 -4.01
CA ALA A 30 18.26 1.91 -4.63
C ALA A 30 17.78 2.50 -5.96
N PRO A 31 18.33 3.66 -6.37
CA PRO A 31 17.97 4.24 -7.66
C PRO A 31 18.43 3.32 -8.78
N MET A 32 17.56 3.08 -9.76
CA MET A 32 17.86 2.11 -10.82
C MET A 32 17.21 2.42 -12.15
N THR A 33 18.04 2.83 -13.10
CA THR A 33 17.69 3.04 -14.49
C THR A 33 17.12 1.75 -15.09
N ARG A 34 15.91 1.83 -15.63
CA ARG A 34 15.22 0.65 -16.20
C ARG A 34 14.74 0.91 -17.62
N CYS A 35 14.70 2.19 -18.00
CA CYS A 35 14.42 2.64 -19.37
C CYS A 35 13.01 2.33 -19.88
N ARG A 36 12.03 2.38 -18.98
CA ARG A 36 10.64 2.13 -19.37
C ARG A 36 9.85 3.40 -19.63
N ALA A 37 10.40 4.55 -19.22
CA ALA A 37 9.74 5.84 -19.39
C ALA A 37 9.87 6.32 -20.84
N LEU A 38 9.10 5.67 -21.72
CA LEU A 38 9.19 5.92 -23.16
C LEU A 38 9.19 7.41 -23.47
N ASN A 39 10.21 7.83 -24.21
CA ASN A 39 10.33 9.21 -24.69
C ASN A 39 10.53 10.26 -23.58
N GLY A 40 11.01 9.81 -22.42
CA GLY A 40 11.32 10.71 -21.31
C GLY A 40 10.17 10.95 -20.36
N VAL A 41 9.00 10.42 -20.68
CA VAL A 41 7.79 10.65 -19.89
C VAL A 41 7.42 9.37 -19.10
N PRO A 42 7.27 9.49 -17.77
CA PRO A 42 6.79 8.37 -16.96
C PRO A 42 5.39 7.90 -17.35
N ASN A 43 5.00 6.72 -16.88
CA ASN A 43 3.75 6.08 -17.30
C ASN A 43 3.20 5.13 -16.24
N ALA A 44 2.05 4.54 -16.53
CA ALA A 44 1.40 3.57 -15.64
C ALA A 44 2.33 2.41 -15.23
N ALA A 45 3.17 1.94 -16.16
CA ALA A 45 4.10 0.86 -15.85
C ALA A 45 5.06 1.21 -14.70
N LEU A 46 5.59 2.43 -14.70
CA LEU A 46 6.45 2.91 -13.62
C LEU A 46 5.67 2.97 -12.30
N ALA A 47 4.48 3.55 -12.35
CA ALA A 47 3.60 3.59 -11.19
C ALA A 47 3.42 2.17 -10.67
N GLU A 48 3.03 1.26 -11.55
CA GLU A 48 2.83 -0.16 -11.23
C GLU A 48 4.07 -0.78 -10.56
N TYR A 49 5.24 -0.54 -11.15
CA TYR A 49 6.50 -1.14 -10.72
C TYR A 49 6.98 -0.66 -9.35
N TYR A 50 6.85 0.65 -9.13
CA TYR A 50 7.21 1.26 -7.85
C TYR A 50 6.21 0.90 -6.74
N ALA A 51 4.92 0.91 -7.07
CA ALA A 51 3.85 0.49 -6.16
C ALA A 51 4.11 -0.92 -5.66
N GLN A 52 4.34 -1.86 -6.57
CA GLN A 52 4.66 -3.25 -6.22
C GLN A 52 5.72 -3.29 -5.14
N ARG A 53 6.68 -2.38 -5.25
CA ARG A 53 7.85 -2.38 -4.38
C ARG A 53 7.67 -1.62 -3.08
N THR A 54 6.56 -0.88 -2.99
CA THR A 54 6.25 -0.03 -1.83
C THR A 54 5.77 -0.86 -0.62
N THR A 55 6.27 -0.51 0.56
CA THR A 55 5.74 -1.01 1.83
C THR A 55 5.45 0.21 2.72
N PRO A 56 4.53 0.08 3.70
CA PRO A 56 4.22 1.21 4.61
C PRO A 56 5.44 1.71 5.39
N GLY A 57 5.69 3.02 5.35
CA GLY A 57 6.86 3.62 5.98
C GLY A 57 8.16 3.24 5.31
N GLY A 58 8.06 2.60 4.14
CA GLY A 58 9.22 2.16 3.38
C GLY A 58 9.75 3.28 2.51
N PHE A 59 11.07 3.35 2.38
CA PHE A 59 11.70 4.42 1.61
C PHE A 59 12.13 3.91 0.24
N LEU A 60 11.83 4.71 -0.78
CA LEU A 60 12.19 4.38 -2.17
C LEU A 60 12.97 5.51 -2.84
N ILE A 61 13.91 5.13 -3.69
CA ILE A 61 14.61 6.08 -4.55
C ILE A 61 14.33 5.77 -6.02
N SER A 62 13.90 6.79 -6.75
CA SER A 62 13.57 6.61 -8.16
C SER A 62 14.81 6.41 -9.01
N GLU A 63 14.61 5.81 -10.18
CA GLU A 63 15.62 5.73 -11.23
C GLU A 63 16.17 7.13 -11.49
N GLY A 64 17.40 7.20 -12.00
CA GLY A 64 17.99 8.48 -12.38
C GLY A 64 17.08 9.23 -13.33
N THR A 65 16.88 10.52 -13.07
CA THR A 65 15.90 11.33 -13.78
C THR A 65 16.55 12.57 -14.37
N MET A 66 16.28 12.83 -15.65
CA MET A 66 16.86 13.98 -16.37
C MET A 66 16.55 15.32 -15.72
N VAL A 67 17.52 16.22 -15.75
CA VAL A 67 17.39 17.54 -15.16
C VAL A 67 17.38 18.63 -16.23
N SER A 68 17.81 18.27 -17.43
CA SER A 68 17.88 19.18 -18.57
C SER A 68 17.99 18.35 -19.83
N PRO A 69 17.52 18.89 -20.98
CA PRO A 69 17.89 18.25 -22.23
C PRO A 69 19.42 18.12 -22.33
N GLY A 70 19.90 16.92 -22.66
CA GLY A 70 21.33 16.66 -22.74
C GLY A 70 21.86 15.83 -21.58
N SER A 71 21.08 15.71 -20.51
CA SER A 71 21.52 15.04 -19.29
C SER A 71 21.36 13.53 -19.33
N ALA A 72 20.85 13.02 -20.45
CA ALA A 72 20.60 11.58 -20.60
C ALA A 72 21.76 10.87 -21.30
N GLY A 73 22.11 9.68 -20.79
CA GLY A 73 23.06 8.80 -21.44
C GLY A 73 22.47 7.43 -21.66
N PHE A 74 21.15 7.34 -21.51
CA PHE A 74 20.44 6.11 -21.66
C PHE A 74 19.14 6.36 -22.42
N PRO A 75 18.61 5.33 -23.11
CA PRO A 75 17.35 5.50 -23.81
C PRO A 75 16.17 5.37 -22.86
N HIS A 76 15.14 6.16 -23.10
CA HIS A 76 13.84 6.05 -22.40
C HIS A 76 13.92 6.18 -20.88
N VAL A 77 14.90 6.96 -20.42
CA VAL A 77 14.95 7.40 -19.03
C VAL A 77 14.05 8.62 -18.83
N PRO A 78 13.43 8.75 -17.64
CA PRO A 78 12.46 9.83 -17.41
C PRO A 78 13.13 11.17 -17.13
N GLY A 79 12.36 12.24 -17.30
CA GLY A 79 12.82 13.60 -16.98
C GLY A 79 11.91 14.30 -15.99
N ILE A 80 12.39 15.41 -15.44
CA ILE A 80 11.61 16.22 -14.50
C ILE A 80 11.84 17.71 -14.76
N TYR A 81 12.24 18.04 -15.99
CA TYR A 81 12.48 19.44 -16.34
C TYR A 81 11.27 20.12 -16.98
N SER A 82 10.37 19.33 -17.58
CA SER A 82 9.19 19.88 -18.27
C SER A 82 7.89 19.67 -17.49
N ASP A 83 6.87 20.48 -17.80
CA ASP A 83 5.56 20.38 -17.16
C ASP A 83 4.88 19.05 -17.47
N GLU A 84 5.03 18.59 -18.71
CA GLU A 84 4.53 17.30 -19.15
C GLU A 84 5.07 16.17 -18.26
N GLN A 85 6.36 16.24 -17.97
CA GLN A 85 7.03 15.25 -17.12
C GLN A 85 6.51 15.30 -15.69
N VAL A 86 6.43 16.51 -15.13
CA VAL A 86 5.84 16.75 -13.80
C VAL A 86 4.46 16.11 -13.68
N GLU A 87 3.58 16.40 -14.63
CA GLU A 87 2.21 15.88 -14.61
C GLU A 87 2.15 14.36 -14.68
N ALA A 88 3.01 13.77 -15.51
CA ALA A 88 3.06 12.32 -15.70
C ALA A 88 3.64 11.57 -14.50
N TRP A 89 4.53 12.23 -13.76
CA TRP A 89 5.14 11.68 -12.54
C TRP A 89 4.12 11.52 -11.42
N LYS A 90 3.11 12.41 -11.40
CA LYS A 90 2.12 12.45 -10.33
C LYS A 90 1.51 11.09 -10.01
N GLN A 91 1.17 10.33 -11.06
CA GLN A 91 0.57 9.01 -10.89
C GLN A 91 1.49 8.05 -10.13
N VAL A 92 2.79 8.09 -10.45
CA VAL A 92 3.77 7.19 -9.84
C VAL A 92 3.88 7.45 -8.33
N VAL A 93 3.97 8.72 -7.97
CA VAL A 93 4.11 9.15 -6.59
C VAL A 93 2.85 8.84 -5.78
N GLU A 94 1.69 9.21 -6.33
CA GLU A 94 0.40 8.96 -5.71
C GLU A 94 0.21 7.48 -5.44
N ALA A 95 0.63 6.66 -6.40
CA ALA A 95 0.63 5.22 -6.25
C ALA A 95 1.48 4.78 -5.06
N VAL A 96 2.68 5.35 -4.93
CA VAL A 96 3.58 5.04 -3.80
C VAL A 96 2.98 5.52 -2.48
N HIS A 97 2.49 6.76 -2.45
CA HIS A 97 1.87 7.32 -1.25
C HIS A 97 0.62 6.55 -0.79
N ALA A 98 -0.20 6.09 -1.73
CA ALA A 98 -1.36 5.27 -1.41
C ALA A 98 -0.98 4.07 -0.55
N LYS A 99 0.12 3.40 -0.90
CA LYS A 99 0.60 2.25 -0.14
C LYS A 99 1.52 2.64 1.01
N GLY A 100 1.57 3.95 1.28
CA GLY A 100 2.21 4.50 2.48
C GLY A 100 3.72 4.52 2.47
N GLY A 101 4.31 4.53 1.27
CA GLY A 101 5.75 4.58 1.12
C GLY A 101 6.25 6.00 0.93
N PHE A 102 7.56 6.17 0.99
CA PHE A 102 8.20 7.45 0.71
C PHE A 102 9.05 7.31 -0.54
N ILE A 103 9.13 8.38 -1.32
CA ILE A 103 9.88 8.35 -2.58
C ILE A 103 10.64 9.64 -2.89
N PHE A 104 11.90 9.47 -3.25
CA PHE A 104 12.78 10.56 -3.67
C PHE A 104 13.10 10.41 -5.15
N CYS A 105 13.06 11.52 -5.88
CA CYS A 105 13.47 11.54 -7.26
C CYS A 105 14.98 11.77 -7.34
N GLN A 106 15.70 10.84 -7.94
CA GLN A 106 17.13 11.03 -8.16
C GLN A 106 17.38 11.97 -9.35
N LEU A 107 18.07 13.08 -9.09
CA LEU A 107 18.39 14.07 -10.12
C LEU A 107 19.71 13.74 -10.82
N TRP A 108 19.63 13.47 -12.12
CA TRP A 108 20.72 12.83 -12.86
C TRP A 108 21.21 13.61 -14.08
N HIS A 109 22.52 13.87 -14.11
CA HIS A 109 23.19 14.39 -15.29
C HIS A 109 24.40 13.49 -15.56
N VAL A 110 24.42 12.90 -16.75
CA VAL A 110 25.45 11.94 -17.13
C VAL A 110 26.77 12.58 -17.54
N GLY A 111 26.74 13.88 -17.85
CA GLY A 111 27.92 14.58 -18.32
C GLY A 111 28.43 14.00 -19.62
N ARG A 112 29.72 13.65 -19.64
CA ARG A 112 30.36 13.08 -20.83
C ARG A 112 29.88 11.68 -21.16
N ALA A 113 29.16 11.06 -20.23
CA ALA A 113 28.66 9.68 -20.39
C ALA A 113 27.37 9.67 -21.20
N SER A 114 27.42 10.31 -22.37
CA SER A 114 26.25 10.49 -23.22
C SER A 114 26.63 10.19 -24.69
N HIS A 115 25.81 10.66 -25.62
CA HIS A 115 26.08 10.55 -27.04
C HIS A 115 25.38 11.69 -27.77
N ALA A 116 25.85 12.03 -28.96
CA ALA A 116 25.20 13.04 -29.81
C ALA A 116 23.68 12.82 -29.88
N VAL A 117 23.28 11.56 -29.99
CA VAL A 117 21.88 11.14 -30.04
C VAL A 117 21.04 11.73 -28.91
N TYR A 118 21.60 11.80 -27.70
CA TYR A 118 20.87 12.31 -26.53
C TYR A 118 21.09 13.81 -26.30
N GLN A 119 21.69 14.48 -27.28
CA GLN A 119 22.04 15.90 -27.14
C GLN A 119 21.22 16.79 -28.05
N PRO A 120 20.75 17.93 -27.52
CA PRO A 120 20.02 18.92 -28.33
C PRO A 120 20.87 19.41 -29.50
N ASN A 121 20.25 19.51 -30.67
CA ASN A 121 20.93 19.89 -31.93
C ASN A 121 22.08 18.94 -32.29
N GLY A 122 22.11 17.76 -31.67
CA GLY A 122 23.19 16.80 -31.88
C GLY A 122 24.55 17.26 -31.40
N GLY A 123 24.54 18.10 -30.35
CA GLY A 123 25.77 18.68 -29.80
C GLY A 123 26.66 17.68 -29.09
N SER A 124 27.78 18.17 -28.56
CA SER A 124 28.68 17.37 -27.74
C SER A 124 28.20 17.33 -26.30
N PRO A 125 28.33 16.16 -25.63
CA PRO A 125 28.04 16.11 -24.19
C PRO A 125 28.96 17.05 -23.43
N ILE A 126 28.46 17.63 -22.34
CA ILE A 126 29.26 18.53 -21.51
C ILE A 126 29.89 17.80 -20.33
N SER A 127 31.10 18.20 -19.95
CA SER A 127 31.82 17.63 -18.82
C SER A 127 32.70 18.70 -18.18
N SER A 128 33.55 18.28 -17.25
CA SER A 128 34.55 19.17 -16.65
C SER A 128 35.80 19.20 -17.52
N THR A 129 36.00 18.12 -18.26
CA THR A 129 37.19 17.91 -19.09
C THR A 129 36.78 17.83 -20.57
N ASN A 130 37.77 17.92 -21.46
CA ASN A 130 37.55 17.66 -22.89
C ASN A 130 37.90 16.22 -23.28
N LYS A 131 38.45 15.48 -22.32
CA LYS A 131 38.84 14.08 -22.52
C LYS A 131 37.62 13.17 -22.65
N PRO A 132 37.61 12.30 -23.68
CA PRO A 132 36.59 11.27 -23.76
C PRO A 132 36.81 10.17 -22.71
N ILE A 133 35.78 9.39 -22.43
CA ILE A 133 35.94 8.16 -21.67
C ILE A 133 36.70 7.21 -22.57
N SER A 134 37.67 6.48 -22.03
CA SER A 134 38.43 5.49 -22.79
C SER A 134 37.49 4.48 -23.46
N GLU A 135 37.96 3.88 -24.55
CA GLU A 135 37.10 3.11 -25.44
C GLU A 135 37.16 1.58 -25.28
N ASN A 136 37.97 1.11 -24.34
CA ASN A 136 38.12 -0.33 -24.09
C ASN A 136 36.94 -0.96 -23.38
N ARG A 137 36.64 -0.47 -22.18
CA ARG A 137 35.68 -1.10 -21.28
C ARG A 137 34.27 -0.54 -21.39
N TRP A 138 34.16 0.69 -21.91
CA TRP A 138 32.90 1.40 -21.80
C TRP A 138 32.24 1.77 -23.13
N ARG A 139 30.94 1.53 -23.20
CA ARG A 139 30.13 1.88 -24.37
C ARG A 139 28.79 2.49 -23.92
N VAL A 140 28.38 3.58 -24.57
CA VAL A 140 27.03 4.12 -24.40
C VAL A 140 26.00 3.25 -25.13
N LEU A 141 24.85 3.04 -24.48
CA LEU A 141 23.76 2.29 -25.09
C LEU A 141 22.78 3.23 -25.78
N LEU A 142 22.47 2.93 -27.03
CA LEU A 142 21.61 3.77 -27.87
C LEU A 142 20.18 3.23 -27.97
N PRO A 143 19.20 4.11 -28.27
CA PRO A 143 17.79 3.70 -28.44
C PRO A 143 17.54 2.45 -29.29
N ASP A 144 18.46 2.12 -30.20
CA ASP A 144 18.29 0.96 -31.08
C ASP A 144 18.86 -0.34 -30.48
N GLY A 145 19.47 -0.23 -29.29
CA GLY A 145 20.00 -1.39 -28.59
C GLY A 145 21.47 -1.69 -28.90
N SER A 146 22.07 -0.89 -29.78
CA SER A 146 23.48 -1.05 -30.08
C SER A 146 24.33 -0.30 -29.05
N HIS A 147 25.58 -0.72 -28.94
CA HIS A 147 26.56 -0.09 -28.05
C HIS A 147 27.67 0.56 -28.87
N VAL A 148 27.89 1.85 -28.67
CA VAL A 148 28.95 2.58 -29.38
C VAL A 148 29.87 3.31 -28.40
N LYS A 149 31.02 3.75 -28.90
CA LYS A 149 32.03 4.49 -28.12
C LYS A 149 31.51 5.83 -27.61
N TYR A 150 32.03 6.26 -26.46
CA TYR A 150 31.73 7.58 -25.93
C TYR A 150 32.48 8.64 -26.72
N PRO A 151 31.79 9.71 -27.13
CA PRO A 151 32.42 10.80 -27.88
C PRO A 151 33.30 11.70 -27.03
N LYS A 152 33.96 12.64 -27.70
CA LYS A 152 34.72 13.71 -27.08
C LYS A 152 33.74 14.74 -26.53
N PRO A 153 33.77 14.96 -25.20
CA PRO A 153 32.92 15.97 -24.58
C PRO A 153 33.50 17.37 -24.68
N ARG A 154 32.67 18.36 -24.38
CA ARG A 154 33.11 19.75 -24.26
C ARG A 154 33.23 20.15 -22.79
N ALA A 155 34.40 20.62 -22.38
CA ALA A 155 34.60 21.16 -21.03
C ALA A 155 33.83 22.47 -20.86
N LEU A 156 33.25 22.66 -19.70
CA LEU A 156 32.41 23.82 -19.43
C LEU A 156 33.21 25.08 -19.11
N GLU A 157 32.69 26.23 -19.52
CA GLU A 157 33.21 27.50 -19.03
C GLU A 157 32.71 27.67 -17.60
N ALA A 158 33.48 28.39 -16.78
CA ALA A 158 33.07 28.66 -15.39
C ALA A 158 31.72 29.38 -15.38
N SER A 159 31.56 30.34 -16.28
CA SER A 159 30.32 31.10 -16.42
C SER A 159 29.10 30.24 -16.75
N GLU A 160 29.34 29.04 -17.28
CA GLU A 160 28.26 28.13 -17.71
C GLU A 160 27.68 27.32 -16.55
N ILE A 161 28.49 27.10 -15.52
CA ILE A 161 28.14 26.24 -14.38
C ILE A 161 26.90 26.67 -13.57
N PRO A 162 26.79 27.98 -13.21
CA PRO A 162 25.59 28.48 -12.51
C PRO A 162 24.26 28.12 -13.21
N ARG A 163 24.32 27.96 -14.52
CA ARG A 163 23.14 27.58 -15.30
C ARG A 163 22.78 26.12 -15.10
N VAL A 164 23.81 25.27 -15.08
CA VAL A 164 23.63 23.83 -14.87
C VAL A 164 23.11 23.58 -13.46
N VAL A 165 23.53 24.43 -12.53
CA VAL A 165 23.05 24.40 -11.16
C VAL A 165 21.57 24.79 -11.10
N GLU A 166 21.19 25.77 -11.93
CA GLU A 166 19.80 26.20 -12.02
C GLU A 166 18.90 25.09 -12.56
N ASP A 167 19.45 24.27 -13.45
CA ASP A 167 18.77 23.09 -13.97
C ASP A 167 18.43 22.11 -12.84
N TYR A 168 19.33 21.98 -11.88
CA TYR A 168 19.11 21.12 -10.71
C TYR A 168 18.02 21.69 -9.80
N CYS A 169 18.03 23.01 -9.62
CA CYS A 169 17.02 23.71 -8.81
C CYS A 169 15.62 23.47 -9.36
N LEU A 170 15.44 23.79 -10.64
CA LEU A 170 14.15 23.65 -11.32
C LEU A 170 13.64 22.23 -11.24
N SER A 171 14.56 21.28 -11.40
CA SER A 171 14.24 19.85 -11.32
C SER A 171 13.75 19.48 -9.92
N ALA A 172 14.44 19.97 -8.90
CA ALA A 172 14.04 19.76 -7.52
C ALA A 172 12.68 20.41 -7.23
N LEU A 173 12.49 21.64 -7.73
CA LEU A 173 11.23 22.37 -7.56
C LEU A 173 10.08 21.67 -8.28
N ASN A 174 10.36 21.12 -9.45
CA ASN A 174 9.39 20.30 -10.17
C ASN A 174 9.05 19.03 -9.41
N ALA A 175 10.08 18.37 -8.87
CA ALA A 175 9.91 17.13 -8.13
C ALA A 175 8.92 17.28 -6.97
N ILE A 176 9.11 18.30 -6.15
CA ILE A 176 8.19 18.59 -5.05
C ILE A 176 6.79 18.88 -5.59
N ARG A 177 6.72 19.72 -6.62
CA ARG A 177 5.47 20.09 -7.29
C ARG A 177 4.75 18.87 -7.86
N ALA A 178 5.52 17.84 -8.20
CA ALA A 178 4.97 16.58 -8.72
C ALA A 178 4.55 15.64 -7.59
N GLY A 179 4.86 16.01 -6.35
CA GLY A 179 4.43 15.23 -5.19
C GLY A 179 5.53 14.50 -4.44
N PHE A 180 6.72 14.44 -5.02
CA PHE A 180 7.87 13.77 -4.40
C PHE A 180 8.13 14.26 -2.98
N ASP A 181 8.61 13.35 -2.15
CA ASP A 181 8.97 13.65 -0.76
C ASP A 181 10.32 14.35 -0.68
N GLY A 182 11.11 14.23 -1.74
CA GLY A 182 12.39 14.92 -1.85
C GLY A 182 13.17 14.51 -3.08
N ILE A 183 14.46 14.83 -3.08
CA ILE A 183 15.34 14.50 -4.20
C ILE A 183 16.68 13.97 -3.72
N GLU A 184 17.31 13.16 -4.56
CA GLU A 184 18.67 12.70 -4.31
C GLU A 184 19.59 13.20 -5.41
N ILE A 185 20.71 13.79 -5.03
CA ILE A 185 21.72 14.23 -5.98
C ILE A 185 22.60 13.03 -6.35
N HIS A 186 22.55 12.66 -7.63
CA HIS A 186 23.38 11.61 -8.17
C HIS A 186 24.78 12.16 -8.45
N GLY A 187 25.68 12.03 -7.47
CA GLY A 187 27.05 12.48 -7.63
C GLY A 187 28.03 11.31 -7.64
N ALA A 188 27.58 10.20 -8.21
CA ALA A 188 28.34 8.96 -8.19
C ALA A 188 28.64 8.43 -9.60
N HIS A 189 29.33 7.30 -9.64
CA HIS A 189 29.46 6.42 -10.81
C HIS A 189 30.01 7.04 -12.08
N GLY A 190 30.78 8.11 -11.95
CA GLY A 190 31.42 8.74 -13.10
C GLY A 190 30.54 9.64 -13.92
N TYR A 191 29.38 10.04 -13.38
CA TYR A 191 28.52 10.99 -14.08
C TYR A 191 28.93 12.44 -13.78
N LEU A 192 28.24 13.41 -14.37
CA LEU A 192 28.69 14.81 -14.37
C LEU A 192 29.44 15.25 -13.10
N ILE A 193 28.76 15.17 -11.96
CA ILE A 193 29.33 15.57 -10.66
C ILE A 193 30.64 14.85 -10.33
N ASP A 194 30.64 13.52 -10.46
CA ASP A 194 31.83 12.69 -10.21
C ASP A 194 32.99 13.08 -11.14
N GLN A 195 32.65 13.57 -12.33
CA GLN A 195 33.66 14.02 -13.30
C GLN A 195 34.38 15.29 -12.84
N PHE A 196 33.79 15.97 -11.86
CA PHE A 196 34.44 17.10 -11.20
C PHE A 196 35.17 16.64 -9.96
N LEU A 197 34.58 15.68 -9.24
CA LEU A 197 35.14 15.17 -7.98
C LEU A 197 36.42 14.38 -8.17
N LYS A 198 36.46 13.51 -9.17
CA LYS A 198 37.58 12.58 -9.33
C LYS A 198 38.75 13.23 -10.06
N ASP A 199 39.95 13.10 -9.49
CA ASP A 199 41.13 13.68 -10.14
C ASP A 199 41.61 12.87 -11.35
N GLY A 200 41.07 11.65 -11.48
CA GLY A 200 41.31 10.81 -12.66
C GLY A 200 40.49 11.22 -13.87
N ILE A 201 39.60 12.20 -13.68
CA ILE A 201 38.86 12.82 -14.79
C ILE A 201 39.11 14.33 -14.81
N ASN A 202 38.92 14.98 -13.66
CA ASN A 202 39.01 16.44 -13.55
C ASN A 202 40.42 16.99 -13.71
N ASP A 203 40.74 17.41 -14.94
CA ASP A 203 42.05 17.98 -15.27
C ASP A 203 41.93 19.51 -15.45
N ARG A 204 41.19 20.15 -14.56
CA ARG A 204 40.89 21.57 -14.69
C ARG A 204 41.97 22.49 -14.13
N THR A 205 42.11 23.64 -14.78
CA THR A 205 43.05 24.68 -14.37
C THR A 205 42.42 25.62 -13.34
N ASP A 206 41.11 25.82 -13.43
CA ASP A 206 40.43 26.85 -12.66
C ASP A 206 40.02 26.43 -11.24
N GLN A 207 39.09 27.19 -10.65
CA GLN A 207 38.64 26.97 -9.28
C GLN A 207 37.76 25.72 -9.13
N TYR A 208 37.46 25.06 -10.24
CA TYR A 208 36.69 23.82 -10.22
C TYR A 208 37.57 22.58 -10.38
N GLY A 209 38.88 22.76 -10.22
CA GLY A 209 39.84 21.67 -10.35
C GLY A 209 41.12 21.91 -9.57
N GLY A 210 41.95 20.87 -9.48
CA GLY A 210 43.20 20.94 -8.73
C GLY A 210 43.05 20.37 -7.33
N SER A 211 43.00 21.27 -6.34
CA SER A 211 42.83 20.88 -4.93
C SER A 211 41.51 20.16 -4.70
N ILE A 212 41.49 19.30 -3.67
CA ILE A 212 40.29 18.51 -3.32
C ILE A 212 39.09 19.41 -3.01
N ALA A 213 39.33 20.53 -2.35
CA ALA A 213 38.28 21.52 -2.08
C ALA A 213 37.72 22.06 -3.38
N ASN A 214 38.59 22.31 -4.36
CA ASN A 214 38.19 22.76 -5.70
C ASN A 214 37.38 21.76 -6.50
N ARG A 215 37.70 20.47 -6.35
CA ARG A 215 36.97 19.41 -7.04
C ARG A 215 35.55 19.22 -6.50
N CYS A 216 35.37 19.58 -5.24
CA CYS A 216 34.07 19.51 -4.56
C CYS A 216 33.18 20.72 -4.86
N ARG A 217 33.78 21.82 -5.34
CA ARG A 217 33.06 23.09 -5.50
C ARG A 217 31.78 22.96 -6.31
N PHE A 218 31.80 22.08 -7.31
CA PHE A 218 30.64 21.89 -8.18
C PHE A 218 29.49 21.25 -7.41
N LEU A 219 29.77 20.12 -6.77
CA LEU A 219 28.77 19.46 -5.93
C LEU A 219 28.24 20.42 -4.87
N LYS A 220 29.16 21.11 -4.19
CA LYS A 220 28.82 22.08 -3.15
C LYS A 220 27.72 23.03 -3.62
N GLN A 221 27.94 23.65 -4.77
CA GLN A 221 26.98 24.59 -5.34
C GLN A 221 25.65 23.90 -5.67
N VAL A 222 25.74 22.72 -6.29
CA VAL A 222 24.54 21.94 -6.64
C VAL A 222 23.72 21.64 -5.38
N VAL A 223 24.40 21.13 -4.35
CA VAL A 223 23.76 20.84 -3.07
C VAL A 223 23.21 22.13 -2.43
N GLU A 224 23.97 23.21 -2.51
CA GLU A 224 23.55 24.50 -1.95
C GLU A 224 22.28 25.04 -2.61
N GLY A 225 22.27 25.06 -3.94
CA GLY A 225 21.13 25.56 -4.70
C GLY A 225 19.85 24.77 -4.49
N VAL A 226 19.99 23.45 -4.49
CA VAL A 226 18.87 22.54 -4.26
C VAL A 226 18.31 22.68 -2.83
N VAL A 227 19.20 22.72 -1.84
CA VAL A 227 18.82 22.95 -0.45
C VAL A 227 18.11 24.30 -0.28
N SER A 228 18.63 25.34 -0.93
CA SER A 228 18.00 26.65 -0.98
C SER A 228 16.58 26.57 -1.53
N ALA A 229 16.40 25.79 -2.59
CA ALA A 229 15.11 25.67 -3.26
C ALA A 229 14.05 24.94 -2.44
N ILE A 230 14.38 23.77 -1.91
CA ILE A 230 13.36 22.89 -1.31
C ILE A 230 13.58 22.52 0.16
N GLY A 231 14.68 22.99 0.73
CA GLY A 231 15.00 22.70 2.13
C GLY A 231 15.90 21.49 2.25
N ALA A 232 16.88 21.57 3.13
CA ALA A 232 17.87 20.51 3.33
C ALA A 232 17.21 19.17 3.69
N SER A 233 16.16 19.22 4.49
CA SER A 233 15.46 18.04 4.99
C SER A 233 14.88 17.12 3.90
N LYS A 234 14.77 17.65 2.68
CA LYS A 234 14.20 16.90 1.55
C LYS A 234 15.26 16.59 0.50
N VAL A 235 16.53 16.67 0.90
CA VAL A 235 17.66 16.47 -0.01
C VAL A 235 18.59 15.37 0.48
N GLY A 236 18.87 14.42 -0.41
CA GLY A 236 19.91 13.42 -0.17
C GLY A 236 21.02 13.61 -1.19
N VAL A 237 22.21 13.10 -0.87
CA VAL A 237 23.35 13.15 -1.77
C VAL A 237 23.96 11.76 -1.89
N ARG A 238 24.15 11.30 -3.13
CA ARG A 238 24.80 10.02 -3.38
C ARG A 238 26.18 10.20 -3.98
N VAL A 239 27.19 9.61 -3.36
CA VAL A 239 28.56 9.62 -3.88
C VAL A 239 29.16 8.21 -3.89
N SER A 240 30.16 8.01 -4.74
CA SER A 240 30.87 6.74 -4.83
C SER A 240 32.36 7.05 -5.01
N PRO A 241 33.09 7.15 -3.89
CA PRO A 241 34.49 7.57 -3.95
C PRO A 241 35.41 6.47 -4.49
N ALA A 242 35.04 5.21 -4.25
CA ALA A 242 35.88 4.06 -4.62
C ALA A 242 35.28 3.22 -5.74
N ILE A 243 34.74 3.88 -6.77
CA ILE A 243 34.16 3.19 -7.91
C ILE A 243 34.71 3.74 -9.22
N ASP A 244 35.36 2.86 -9.98
CA ASP A 244 36.11 3.22 -11.18
C ASP A 244 35.27 3.33 -12.46
N HIS A 245 33.99 2.99 -12.35
CA HIS A 245 33.01 3.06 -13.45
C HIS A 245 33.26 4.28 -14.34
N LEU A 246 33.40 4.02 -15.64
CA LEU A 246 33.61 5.08 -16.65
C LEU A 246 34.85 5.93 -16.37
N ASP A 247 35.94 5.26 -15.99
CA ASP A 247 37.24 5.90 -15.73
C ASP A 247 37.22 6.94 -14.59
N ALA A 248 36.35 6.74 -13.61
CA ALA A 248 36.20 7.66 -12.48
C ALA A 248 37.04 7.21 -11.29
N THR A 249 38.36 7.30 -11.47
CA THR A 249 39.31 6.95 -10.42
C THR A 249 39.78 8.19 -9.68
N ASP A 250 40.20 8.01 -8.42
CA ASP A 250 40.86 9.08 -7.66
C ASP A 250 42.16 8.58 -7.08
N SER A 251 43.14 9.47 -6.94
CA SER A 251 44.44 9.11 -6.36
C SER A 251 44.29 8.69 -4.90
N ASP A 252 43.35 9.33 -4.21
CA ASP A 252 43.05 9.03 -2.81
C ASP A 252 41.53 9.12 -2.57
N PRO A 253 40.82 7.99 -2.75
CA PRO A 253 39.36 7.93 -2.53
C PRO A 253 38.92 8.24 -1.10
N LEU A 254 39.76 7.89 -0.12
CA LEU A 254 39.44 8.12 1.29
C LEU A 254 39.46 9.61 1.65
N SER A 255 40.43 10.34 1.11
CA SER A 255 40.50 11.79 1.29
C SER A 255 39.38 12.49 0.55
N LEU A 256 39.00 11.95 -0.60
CA LEU A 256 37.92 12.51 -1.41
C LEU A 256 36.59 12.37 -0.70
N GLY A 257 36.26 11.15 -0.30
CA GLY A 257 35.06 10.86 0.47
C GLY A 257 34.96 11.74 1.71
N LEU A 258 36.06 11.85 2.46
CA LEU A 258 36.10 12.70 3.65
C LEU A 258 36.01 14.19 3.34
N ALA A 259 36.43 14.59 2.14
CA ALA A 259 36.30 15.99 1.73
C ALA A 259 34.84 16.30 1.38
N VAL A 260 34.14 15.29 0.85
CA VAL A 260 32.72 15.43 0.53
C VAL A 260 31.92 15.42 1.82
N VAL A 261 32.21 14.45 2.68
CA VAL A 261 31.55 14.35 3.98
C VAL A 261 31.73 15.67 4.74
N GLY A 262 32.98 16.13 4.80
CA GLY A 262 33.33 17.38 5.46
C GLY A 262 32.59 18.58 4.89
N MET A 263 32.46 18.62 3.57
CA MET A 263 31.77 19.70 2.89
C MET A 263 30.31 19.79 3.32
N LEU A 264 29.68 18.62 3.42
CA LEU A 264 28.27 18.52 3.77
C LEU A 264 28.00 18.86 5.23
N ASN A 265 28.93 18.51 6.12
CA ASN A 265 28.83 18.89 7.54
C ASN A 265 28.85 20.40 7.70
N LYS A 266 29.86 21.01 7.10
CA LYS A 266 30.11 22.45 7.19
C LYS A 266 29.05 23.26 6.45
N LEU A 267 28.19 22.57 5.72
CA LEU A 267 27.10 23.22 5.02
C LEU A 267 25.87 23.27 5.92
N GLN A 268 25.68 22.23 6.72
CA GLN A 268 24.54 22.11 7.63
C GLN A 268 24.51 23.19 8.73
N GLY A 269 25.68 23.71 9.10
CA GLY A 269 25.78 24.88 9.98
C GLY A 269 25.33 26.15 9.27
N VAL A 270 25.76 26.29 8.00
CA VAL A 270 25.40 27.43 7.14
C VAL A 270 23.89 27.51 6.89
N ASN A 271 23.26 26.34 6.72
CA ASN A 271 21.82 26.26 6.47
C ASN A 271 20.97 26.24 7.73
N GLY A 272 21.46 25.56 8.77
CA GLY A 272 20.73 25.42 10.04
C GLY A 272 19.98 24.11 10.17
N SER A 273 19.90 23.34 9.09
CA SER A 273 19.20 22.06 9.08
C SER A 273 20.02 20.94 8.40
N LYS A 274 19.79 19.71 8.85
CA LYS A 274 20.45 18.53 8.28
C LYS A 274 19.81 18.07 6.98
N LEU A 275 20.62 17.49 6.10
CA LEU A 275 20.14 16.79 4.92
C LEU A 275 19.38 15.54 5.34
N ALA A 276 18.54 15.03 4.44
CA ALA A 276 17.85 13.76 4.63
C ALA A 276 18.85 12.63 4.91
N TYR A 277 19.84 12.48 4.05
CA TYR A 277 20.86 11.45 4.22
C TYR A 277 22.09 11.65 3.33
N LEU A 278 23.12 10.85 3.61
CA LEU A 278 24.24 10.68 2.70
C LEU A 278 24.23 9.21 2.24
N HIS A 279 24.31 9.03 0.94
CA HIS A 279 24.18 7.73 0.32
C HIS A 279 25.51 7.33 -0.29
N VAL A 280 26.12 6.25 0.19
CA VAL A 280 27.43 5.83 -0.28
C VAL A 280 27.41 4.41 -0.83
N THR A 281 27.95 4.25 -2.04
CA THR A 281 28.02 2.98 -2.73
C THR A 281 29.41 2.34 -2.63
N GLN A 282 29.43 1.04 -2.36
CA GLN A 282 30.66 0.25 -2.38
C GLN A 282 30.85 -0.41 -3.74
N PRO A 283 32.12 -0.63 -4.16
CA PRO A 283 32.34 -1.57 -5.26
C PRO A 283 32.20 -3.00 -4.71
N ARG A 284 31.94 -3.97 -5.58
CA ARG A 284 31.76 -5.33 -5.11
C ARG A 284 32.26 -6.40 -6.08
N GLU A 302 39.52 -0.03 1.75
CA GLU A 302 39.01 -1.17 2.51
C GLU A 302 37.60 -0.88 3.07
N ALA A 303 37.07 -1.81 3.86
CA ALA A 303 35.80 -1.61 4.56
C ALA A 303 35.95 -0.57 5.67
N LYS A 304 37.20 -0.19 5.94
CA LYS A 304 37.53 0.91 6.83
C LYS A 304 37.00 2.22 6.25
N LEU A 305 37.18 2.38 4.94
CA LEU A 305 36.73 3.58 4.20
C LEU A 305 35.26 3.93 4.45
N MET A 306 34.39 2.90 4.44
CA MET A 306 32.97 3.10 4.68
C MET A 306 32.72 3.54 6.11
N LYS A 307 33.19 2.73 7.07
CA LYS A 307 33.10 3.05 8.49
C LYS A 307 33.65 4.46 8.79
N SER A 308 34.71 4.83 8.08
CA SER A 308 35.36 6.13 8.23
C SER A 308 34.45 7.29 7.87
N LEU A 309 33.82 7.21 6.70
CA LEU A 309 32.89 8.25 6.24
C LEU A 309 31.67 8.34 7.16
N ARG A 310 31.25 7.21 7.70
CA ARG A 310 30.10 7.14 8.59
C ARG A 310 30.32 7.94 9.88
N MET A 311 31.41 7.65 10.58
CA MET A 311 31.80 8.38 11.79
C MET A 311 31.91 9.87 11.48
N ALA A 312 32.41 10.16 10.28
CA ALA A 312 32.71 11.52 9.85
C ALA A 312 31.49 12.35 9.48
N TYR A 313 30.42 11.69 9.01
CA TYR A 313 29.22 12.40 8.62
C TYR A 313 28.26 12.58 9.79
N ASN A 314 27.89 13.82 10.05
CA ASN A 314 26.95 14.13 11.11
C ASN A 314 25.51 14.12 10.57
N GLY A 315 24.93 12.92 10.54
CA GLY A 315 23.57 12.70 10.02
C GLY A 315 23.33 11.26 9.60
N THR A 316 22.26 11.05 8.84
CA THR A 316 21.84 9.72 8.38
C THR A 316 22.76 9.18 7.28
N PHE A 317 23.14 7.91 7.43
CA PHE A 317 24.06 7.26 6.51
C PHE A 317 23.40 6.07 5.85
N MET A 318 23.21 6.18 4.54
CA MET A 318 22.65 5.10 3.75
C MET A 318 23.78 4.46 2.95
N SER A 319 24.08 3.19 3.23
CA SER A 319 25.15 2.48 2.55
C SER A 319 24.60 1.49 1.56
N SER A 320 25.33 1.31 0.45
CA SER A 320 24.85 0.55 -0.70
C SER A 320 25.95 -0.26 -1.38
N GLY A 321 25.55 -1.30 -2.10
CA GLY A 321 26.47 -2.05 -2.95
C GLY A 321 26.80 -3.44 -2.45
N GLY A 322 26.28 -4.45 -3.15
CA GLY A 322 26.59 -5.85 -2.87
C GLY A 322 26.03 -6.39 -1.57
N PHE A 323 25.00 -5.74 -1.04
CA PHE A 323 24.36 -6.16 0.20
C PHE A 323 23.37 -7.31 0.00
N ASN A 324 23.25 -8.14 1.03
CA ASN A 324 22.16 -9.12 1.14
C ASN A 324 21.46 -8.87 2.47
N LYS A 325 20.76 -9.88 3.02
CA LYS A 325 20.08 -9.70 4.30
C LYS A 325 21.07 -9.66 5.47
N GLU A 326 21.92 -10.69 5.58
CA GLU A 326 22.85 -10.80 6.70
C GLU A 326 23.80 -9.60 6.80
N LEU A 327 24.40 -9.21 5.67
CA LEU A 327 25.28 -8.04 5.62
C LEU A 327 24.54 -6.75 5.99
N GLY A 328 23.30 -6.63 5.52
CA GLY A 328 22.48 -5.46 5.80
C GLY A 328 22.05 -5.40 7.25
N MET A 329 21.78 -6.58 7.81
CA MET A 329 21.39 -6.73 9.22
C MET A 329 22.54 -6.39 10.15
N GLN A 330 23.74 -6.83 9.81
CA GLN A 330 24.90 -6.61 10.67
C GLN A 330 25.42 -5.18 10.57
N ALA A 331 25.18 -4.54 9.42
CA ALA A 331 25.57 -3.15 9.21
C ALA A 331 24.82 -2.24 10.19
N VAL A 332 23.53 -2.51 10.36
CA VAL A 332 22.68 -1.74 11.27
C VAL A 332 23.00 -2.06 12.74
N GLN A 333 23.14 -3.36 13.06
CA GLN A 333 23.49 -3.82 14.40
C GLN A 333 24.80 -3.23 14.94
N GLN A 334 25.75 -3.00 14.04
CA GLN A 334 27.06 -2.49 14.42
C GLN A 334 27.20 -0.96 14.32
N GLY A 335 26.16 -0.31 13.80
CA GLY A 335 26.18 1.14 13.63
C GLY A 335 26.95 1.63 12.42
N ASP A 336 27.26 0.72 11.49
CA ASP A 336 27.92 1.07 10.23
C ASP A 336 27.01 1.88 9.32
N ALA A 337 25.71 1.61 9.42
CA ALA A 337 24.71 2.29 8.59
C ALA A 337 23.39 2.46 9.34
N ASP A 338 22.68 3.52 9.00
CA ASP A 338 21.31 3.73 9.44
C ASP A 338 20.35 3.05 8.46
N LEU A 339 20.67 3.18 7.17
CA LEU A 339 19.84 2.67 6.09
C LEU A 339 20.71 1.92 5.08
N VAL A 340 20.11 0.92 4.43
CA VAL A 340 20.79 0.08 3.47
C VAL A 340 19.94 -0.06 2.21
N SER A 341 20.47 0.39 1.08
CA SER A 341 19.73 0.36 -0.18
C SER A 341 20.10 -0.84 -1.03
N TYR A 342 19.09 -1.43 -1.67
CA TYR A 342 19.26 -2.64 -2.45
C TYR A 342 18.90 -2.43 -3.90
N GLY A 343 19.76 -2.86 -4.80
CA GLY A 343 19.58 -2.71 -6.23
C GLY A 343 19.07 -3.96 -6.92
N ARG A 344 20.00 -4.83 -7.29
CA ARG A 344 19.71 -6.03 -8.08
C ARG A 344 18.61 -6.92 -7.48
N LEU A 345 18.65 -7.10 -6.16
CA LEU A 345 17.67 -7.94 -5.47
C LEU A 345 16.25 -7.34 -5.46
N PHE A 346 16.17 -6.01 -5.50
CA PHE A 346 14.88 -5.35 -5.45
C PHE A 346 14.17 -5.38 -6.81
N ILE A 347 14.96 -5.51 -7.88
CA ILE A 347 14.42 -5.73 -9.21
C ILE A 347 13.66 -7.05 -9.24
N ALA A 348 14.35 -8.12 -8.81
CA ALA A 348 13.79 -9.45 -8.87
C ALA A 348 12.69 -9.70 -7.83
N ASN A 349 12.70 -8.91 -6.76
CA ASN A 349 11.79 -9.17 -5.63
C ASN A 349 11.02 -7.93 -5.18
N PRO A 350 9.83 -7.70 -5.76
CA PRO A 350 9.02 -6.52 -5.42
C PRO A 350 8.67 -6.46 -3.94
N ASP A 351 8.54 -7.64 -3.32
CA ASP A 351 8.25 -7.78 -1.89
C ASP A 351 9.48 -8.24 -1.11
N LEU A 352 10.65 -7.70 -1.46
CA LEU A 352 11.92 -8.03 -0.82
C LEU A 352 11.92 -7.83 0.70
N VAL A 353 11.26 -6.77 1.16
CA VAL A 353 11.18 -6.43 2.59
C VAL A 353 10.52 -7.56 3.39
N SER A 354 9.45 -8.14 2.83
CA SER A 354 8.77 -9.31 3.39
C SER A 354 9.64 -10.55 3.35
N ARG A 355 10.35 -10.75 2.25
CA ARG A 355 11.20 -11.93 2.08
C ARG A 355 12.31 -11.95 3.12
N PHE A 356 12.93 -10.79 3.35
CA PHE A 356 13.96 -10.65 4.38
C PHE A 356 13.42 -10.98 5.77
N LYS A 357 12.21 -10.51 6.05
CA LYS A 357 11.56 -10.63 7.37
C LYS A 357 11.43 -12.09 7.79
N ILE A 358 10.90 -12.92 6.90
CA ILE A 358 10.65 -14.33 7.15
C ILE A 358 11.78 -15.21 6.63
N ASP A 359 12.91 -14.60 6.26
CA ASP A 359 14.04 -15.31 5.67
C ASP A 359 13.63 -16.19 4.48
N GLY A 360 12.66 -15.70 3.70
CA GLY A 360 12.12 -16.43 2.55
C GLY A 360 13.06 -16.50 1.36
N GLU A 361 12.58 -17.13 0.28
CA GLU A 361 13.40 -17.31 -0.92
C GLU A 361 13.42 -16.06 -1.79
N LEU A 362 14.48 -15.92 -2.59
CA LEU A 362 14.64 -14.77 -3.48
C LEU A 362 14.61 -15.17 -4.94
N ASN A 363 13.75 -14.51 -5.71
CA ASN A 363 13.76 -14.65 -7.16
C ASN A 363 15.09 -14.17 -7.70
N LYS A 364 15.60 -14.85 -8.74
CA LYS A 364 16.82 -14.44 -9.41
C LYS A 364 16.52 -13.35 -10.43
N TYR A 365 17.42 -12.38 -10.55
CA TYR A 365 17.24 -11.31 -11.52
C TYR A 365 17.74 -11.73 -12.91
N ASN A 366 17.00 -11.33 -13.94
CA ASN A 366 17.38 -11.56 -15.32
C ASN A 366 18.05 -10.30 -15.89
N ARG A 367 19.34 -10.43 -16.21
CA ARG A 367 20.14 -9.31 -16.71
C ARG A 367 19.60 -8.72 -18.00
N LYS A 368 19.16 -9.59 -18.91
CA LYS A 368 18.79 -9.18 -20.27
C LYS A 368 17.66 -8.13 -20.33
N THR A 369 16.78 -8.12 -19.34
CA THR A 369 15.63 -7.22 -19.32
C THR A 369 15.80 -6.04 -18.35
N PHE A 370 17.04 -5.73 -18.03
CA PHE A 370 17.38 -4.57 -17.20
C PHE A 370 17.02 -3.28 -17.91
N TYR A 371 17.44 -3.17 -19.17
CA TYR A 371 17.28 -1.95 -19.95
C TYR A 371 16.48 -2.20 -21.24
N THR A 372 15.43 -3.01 -21.14
CA THR A 372 14.51 -3.21 -22.27
C THR A 372 13.32 -2.26 -22.09
N GLN A 373 12.46 -2.14 -23.10
CA GLN A 373 11.36 -1.18 -23.04
C GLN A 373 10.00 -1.76 -22.66
N ASP A 374 9.94 -3.08 -22.46
CA ASP A 374 8.67 -3.72 -22.16
C ASP A 374 8.09 -3.19 -20.85
N PRO A 375 6.80 -2.81 -20.87
CA PRO A 375 6.12 -2.42 -19.63
C PRO A 375 5.96 -3.58 -18.64
N VAL A 376 5.91 -4.81 -19.14
CA VAL A 376 5.63 -5.98 -18.28
C VAL A 376 6.82 -6.92 -18.12
N VAL A 377 7.35 -7.40 -19.25
CA VAL A 377 8.36 -8.46 -19.26
C VAL A 377 9.69 -8.00 -18.64
N GLY A 378 10.08 -8.65 -17.55
CA GLY A 378 11.29 -8.31 -16.79
C GLY A 378 11.18 -7.05 -15.93
N TYR A 379 9.97 -6.49 -15.85
CA TYR A 379 9.78 -5.22 -15.17
C TYR A 379 8.79 -5.30 -14.01
N THR A 380 7.57 -5.73 -14.30
CA THR A 380 6.52 -5.83 -13.29
C THR A 380 6.07 -7.27 -13.07
N ASP A 381 6.57 -8.19 -13.89
CA ASP A 381 6.13 -9.59 -13.86
C ASP A 381 6.99 -10.50 -12.97
N TYR A 382 7.88 -9.91 -12.18
CA TYR A 382 8.61 -10.67 -11.16
C TYR A 382 7.61 -11.02 -10.05
N PRO A 383 7.41 -12.33 -9.79
CA PRO A 383 6.32 -12.79 -8.94
C PRO A 383 6.51 -12.49 -7.46
N PHE A 384 5.42 -12.09 -6.79
CA PHE A 384 5.39 -11.96 -5.35
C PHE A 384 5.51 -13.35 -4.70
N LEU A 385 5.90 -13.37 -3.43
CA LEU A 385 5.97 -14.59 -2.65
C LEU A 385 4.56 -15.13 -2.43
N ALA A 386 4.41 -16.45 -2.56
CA ALA A 386 3.11 -17.09 -2.33
C ALA A 386 2.77 -17.14 -0.83
N PRO A 387 1.46 -17.06 -0.49
CA PRO A 387 0.97 -17.09 0.90
C PRO A 387 1.50 -18.24 1.76
N ASN B 9 -38.67 -19.04 -12.09
CA ASN B 9 -38.60 -20.54 -12.19
C ASN B 9 -37.72 -21.18 -11.11
N GLU B 10 -36.99 -20.34 -10.38
CA GLU B 10 -36.10 -20.78 -9.31
C GLU B 10 -36.57 -20.20 -7.98
N THR B 11 -36.27 -20.90 -6.88
CA THR B 11 -36.70 -20.44 -5.56
C THR B 11 -35.56 -20.36 -4.54
N LEU B 12 -35.93 -20.13 -3.29
CA LEU B 12 -35.00 -20.14 -2.16
C LEU B 12 -34.33 -21.49 -1.99
N PHE B 13 -35.01 -22.55 -2.43
CA PHE B 13 -34.54 -23.91 -2.21
C PHE B 13 -33.82 -24.50 -3.42
N SER B 14 -33.68 -23.69 -4.48
CA SER B 14 -32.94 -24.09 -5.67
C SER B 14 -31.44 -23.99 -5.42
N SER B 15 -30.67 -24.91 -6.00
CA SER B 15 -29.22 -24.90 -5.87
C SER B 15 -28.62 -23.69 -6.59
N TYR B 16 -27.42 -23.27 -6.17
CA TYR B 16 -26.75 -22.15 -6.83
C TYR B 16 -25.24 -22.34 -6.82
N LYS B 17 -24.64 -22.19 -8.00
CA LYS B 17 -23.19 -22.25 -8.14
C LYS B 17 -22.60 -20.85 -7.93
N MET B 18 -22.07 -20.62 -6.72
CA MET B 18 -21.43 -19.35 -6.37
C MET B 18 -19.92 -19.52 -6.50
N GLY B 19 -19.41 -19.21 -7.70
CA GLY B 19 -18.01 -19.45 -8.02
C GLY B 19 -17.67 -20.91 -7.80
N ARG B 20 -16.67 -21.16 -6.96
CA ARG B 20 -16.20 -22.51 -6.68
C ARG B 20 -17.08 -23.27 -5.68
N PHE B 21 -18.14 -22.62 -5.21
CA PHE B 21 -19.01 -23.23 -4.21
C PHE B 21 -20.37 -23.64 -4.77
N ASP B 22 -20.69 -24.92 -4.59
CA ASP B 22 -22.00 -25.46 -4.92
C ASP B 22 -22.90 -25.37 -3.70
N LEU B 23 -23.89 -24.48 -3.76
CA LEU B 23 -24.84 -24.30 -2.67
C LEU B 23 -26.12 -25.07 -2.94
N SER B 24 -26.70 -25.64 -1.88
CA SER B 24 -27.92 -26.43 -1.99
C SER B 24 -29.18 -25.57 -2.05
N HIS B 25 -29.11 -24.36 -1.49
CA HIS B 25 -30.23 -23.42 -1.46
C HIS B 25 -29.72 -21.97 -1.37
N ARG B 26 -30.65 -21.02 -1.33
CA ARG B 26 -30.32 -19.60 -1.39
C ARG B 26 -30.46 -18.91 -0.04
N VAL B 27 -30.78 -19.67 1.00
CA VAL B 27 -30.95 -19.11 2.33
C VAL B 27 -29.59 -19.08 3.02
N VAL B 28 -29.16 -17.88 3.37
CA VAL B 28 -27.82 -17.66 3.91
C VAL B 28 -27.88 -17.07 5.31
N LEU B 29 -27.03 -17.56 6.22
CA LEU B 29 -26.88 -16.95 7.54
C LEU B 29 -26.19 -15.58 7.46
N ALA B 30 -26.94 -14.53 7.76
CA ALA B 30 -26.44 -13.17 7.78
C ALA B 30 -25.48 -12.99 8.95
N PRO B 31 -24.39 -12.22 8.75
CA PRO B 31 -23.37 -12.07 9.80
C PRO B 31 -23.95 -11.35 11.01
N MET B 32 -23.77 -11.91 12.20
CA MET B 32 -24.34 -11.32 13.42
C MET B 32 -23.48 -11.37 14.67
N THR B 33 -23.10 -10.18 15.13
CA THR B 33 -22.43 -9.99 16.41
C THR B 33 -23.31 -10.51 17.55
N ARG B 34 -22.76 -11.43 18.34
CA ARG B 34 -23.48 -12.04 19.44
C ARG B 34 -22.75 -11.90 20.77
N CYS B 35 -21.46 -11.57 20.71
CA CYS B 35 -20.66 -11.26 21.90
C CYS B 35 -20.41 -12.45 22.83
N ARG B 36 -20.40 -13.67 22.27
CA ARG B 36 -20.10 -14.88 23.06
C ARG B 36 -18.62 -15.30 22.97
N ALA B 37 -17.83 -14.58 22.18
CA ALA B 37 -16.42 -14.90 21.99
C ALA B 37 -15.57 -14.21 23.05
N LEU B 38 -15.68 -14.71 24.28
CA LEU B 38 -15.04 -14.13 25.46
C LEU B 38 -13.60 -13.70 25.23
N ASN B 39 -13.32 -12.44 25.57
CA ASN B 39 -12.00 -11.82 25.46
C ASN B 39 -11.40 -11.92 24.06
N GLY B 40 -12.26 -11.81 23.06
CA GLY B 40 -11.85 -11.85 21.66
C GLY B 40 -11.51 -13.23 21.11
N VAL B 41 -11.64 -14.26 21.93
CA VAL B 41 -11.22 -15.60 21.52
C VAL B 41 -12.44 -16.49 21.23
N PRO B 42 -12.49 -17.11 20.04
CA PRO B 42 -13.55 -18.08 19.73
C PRO B 42 -13.52 -19.28 20.67
N ASN B 43 -14.65 -19.98 20.79
CA ASN B 43 -14.77 -21.10 21.71
C ASN B 43 -15.75 -22.17 21.23
N ALA B 44 -16.04 -23.14 22.09
CA ALA B 44 -16.90 -24.28 21.74
C ALA B 44 -18.37 -23.89 21.58
N ALA B 45 -18.78 -22.83 22.30
CA ALA B 45 -20.15 -22.34 22.23
C ALA B 45 -20.46 -21.74 20.86
N LEU B 46 -19.53 -20.96 20.33
CA LEU B 46 -19.61 -20.48 18.95
C LEU B 46 -19.71 -21.66 18.00
N ALA B 47 -18.78 -22.61 18.13
CA ALA B 47 -18.76 -23.82 17.29
C ALA B 47 -20.13 -24.51 17.25
N GLU B 48 -20.71 -24.73 18.42
CA GLU B 48 -22.04 -25.33 18.53
C GLU B 48 -23.12 -24.48 17.83
N TYR B 49 -23.13 -23.19 18.11
CA TYR B 49 -24.08 -22.23 17.56
C TYR B 49 -24.11 -22.21 16.03
N TYR B 50 -22.91 -22.22 15.43
CA TYR B 50 -22.79 -22.25 13.99
C TYR B 50 -23.17 -23.61 13.42
N ALA B 51 -22.67 -24.68 14.03
CA ALA B 51 -23.00 -26.06 13.64
C ALA B 51 -24.50 -26.30 13.60
N GLN B 52 -25.21 -25.75 14.57
CA GLN B 52 -26.66 -25.84 14.65
C GLN B 52 -27.34 -25.22 13.44
N ARG B 53 -26.68 -24.22 12.86
CA ARG B 53 -27.25 -23.42 11.78
C ARG B 53 -26.77 -23.82 10.39
N THR B 54 -25.85 -24.77 10.31
CA THR B 54 -25.35 -25.22 9.00
C THR B 54 -26.26 -26.30 8.43
N THR B 55 -26.42 -26.26 7.11
CA THR B 55 -27.19 -27.26 6.38
C THR B 55 -26.31 -27.80 5.26
N PRO B 56 -26.54 -29.07 4.85
CA PRO B 56 -25.70 -29.65 3.80
C PRO B 56 -25.78 -28.84 2.51
N GLY B 57 -24.72 -28.07 2.24
CA GLY B 57 -24.65 -27.19 1.09
C GLY B 57 -25.13 -25.78 1.37
N GLY B 58 -25.29 -25.44 2.65
CA GLY B 58 -25.72 -24.10 3.06
C GLY B 58 -24.56 -23.14 3.29
N PHE B 59 -24.79 -21.86 3.05
CA PHE B 59 -23.74 -20.84 3.18
C PHE B 59 -23.94 -19.97 4.41
N LEU B 60 -22.87 -19.78 5.20
CA LEU B 60 -22.93 -18.99 6.42
C LEU B 60 -21.93 -17.84 6.38
N ILE B 61 -22.31 -16.71 6.98
CA ILE B 61 -21.38 -15.59 7.19
C ILE B 61 -21.24 -15.33 8.70
N SER B 62 -20.00 -15.28 9.16
CA SER B 62 -19.70 -15.18 10.58
C SER B 62 -19.94 -13.77 11.12
N GLU B 63 -20.10 -13.70 12.44
CA GLU B 63 -20.12 -12.44 13.18
C GLU B 63 -18.93 -11.56 12.79
N GLY B 64 -19.14 -10.26 12.79
CA GLY B 64 -18.08 -9.30 12.48
C GLY B 64 -16.88 -9.57 13.34
N THR B 65 -15.75 -9.84 12.70
CA THR B 65 -14.54 -10.29 13.39
C THR B 65 -13.46 -9.20 13.31
N MET B 66 -12.66 -9.07 14.37
CA MET B 66 -11.65 -8.01 14.49
C MET B 66 -10.47 -8.23 13.54
N VAL B 67 -10.08 -7.16 12.86
CA VAL B 67 -8.90 -7.18 11.98
C VAL B 67 -7.63 -6.66 12.66
N SER B 68 -7.81 -6.02 13.81
CA SER B 68 -6.69 -5.46 14.59
C SER B 68 -7.17 -5.17 16.01
N PRO B 69 -6.24 -5.00 16.97
CA PRO B 69 -6.70 -4.36 18.19
C PRO B 69 -7.17 -2.94 17.88
N GLY B 70 -8.30 -2.54 18.46
CA GLY B 70 -8.87 -1.23 18.22
C GLY B 70 -9.95 -1.22 17.14
N SER B 71 -10.16 -2.38 16.53
CA SER B 71 -11.13 -2.52 15.46
C SER B 71 -12.52 -2.91 15.97
N ALA B 72 -12.61 -3.17 17.27
CA ALA B 72 -13.87 -3.61 17.88
C ALA B 72 -14.62 -2.45 18.53
N GLY B 73 -15.95 -2.55 18.55
CA GLY B 73 -16.81 -1.57 19.22
C GLY B 73 -17.87 -2.28 20.04
N PHE B 74 -17.64 -3.56 20.28
CA PHE B 74 -18.54 -4.46 21.00
C PHE B 74 -17.68 -5.41 21.82
N PRO B 75 -18.15 -5.80 23.02
CA PRO B 75 -17.33 -6.61 23.90
C PRO B 75 -17.44 -8.10 23.58
N HIS B 76 -16.35 -8.83 23.79
CA HIS B 76 -16.29 -10.29 23.56
C HIS B 76 -16.68 -10.68 22.14
N VAL B 77 -16.20 -9.90 21.17
CA VAL B 77 -16.32 -10.25 19.76
C VAL B 77 -15.00 -10.84 19.30
N PRO B 78 -15.06 -11.77 18.32
CA PRO B 78 -13.83 -12.46 17.93
C PRO B 78 -12.88 -11.60 17.11
N GLY B 79 -11.62 -11.99 17.08
CA GLY B 79 -10.62 -11.40 16.21
C GLY B 79 -10.08 -12.49 15.31
N ILE B 80 -9.35 -12.09 14.27
CA ILE B 80 -8.65 -13.05 13.41
C ILE B 80 -7.24 -12.53 13.09
N TYR B 81 -6.73 -11.66 13.95
CA TYR B 81 -5.41 -11.07 13.76
C TYR B 81 -4.29 -11.82 14.50
N SER B 82 -4.63 -12.47 15.60
CA SER B 82 -3.64 -13.22 16.37
C SER B 82 -3.67 -14.72 16.09
N ASP B 83 -2.54 -15.39 16.34
CA ASP B 83 -2.39 -16.82 16.09
C ASP B 83 -3.27 -17.68 17.00
N GLU B 84 -3.47 -17.22 18.24
CA GLU B 84 -4.35 -17.89 19.19
C GLU B 84 -5.77 -17.93 18.62
N GLN B 85 -6.23 -16.78 18.13
CA GLN B 85 -7.56 -16.65 17.54
C GLN B 85 -7.78 -17.60 16.36
N VAL B 86 -6.75 -17.76 15.52
CA VAL B 86 -6.76 -18.69 14.39
C VAL B 86 -6.98 -20.16 14.82
N GLU B 87 -6.27 -20.60 15.87
CA GLU B 87 -6.45 -21.95 16.40
C GLU B 87 -7.87 -22.17 16.91
N ALA B 88 -8.40 -21.17 17.62
CA ALA B 88 -9.70 -21.27 18.27
C ALA B 88 -10.87 -21.26 17.28
N TRP B 89 -10.60 -20.83 16.05
CA TRP B 89 -11.61 -20.82 15.00
C TRP B 89 -11.76 -22.17 14.33
N LYS B 90 -10.68 -22.95 14.32
CA LYS B 90 -10.65 -24.24 13.64
C LYS B 90 -11.81 -25.16 14.03
N GLN B 91 -12.08 -25.25 15.34
CA GLN B 91 -13.21 -26.02 15.84
C GLN B 91 -14.55 -25.52 15.29
N VAL B 92 -14.71 -24.20 15.27
CA VAL B 92 -15.91 -23.54 14.72
C VAL B 92 -16.11 -23.93 13.26
N VAL B 93 -15.02 -23.86 12.49
CA VAL B 93 -15.05 -24.11 11.06
C VAL B 93 -15.17 -25.62 10.76
N GLU B 94 -14.51 -26.44 11.57
CA GLU B 94 -14.55 -27.90 11.40
C GLU B 94 -15.93 -28.48 11.71
N ALA B 95 -16.66 -27.81 12.61
CA ALA B 95 -18.03 -28.22 12.97
C ALA B 95 -19.01 -27.97 11.83
N VAL B 96 -18.75 -26.90 11.07
CA VAL B 96 -19.55 -26.51 9.93
C VAL B 96 -19.26 -27.42 8.73
N HIS B 97 -17.97 -27.64 8.46
CA HIS B 97 -17.57 -28.53 7.38
C HIS B 97 -17.97 -29.99 7.64
N ALA B 98 -18.07 -30.37 8.91
CA ALA B 98 -18.55 -31.70 9.30
C ALA B 98 -20.00 -31.93 8.89
N LYS B 99 -20.76 -30.85 8.81
CA LYS B 99 -22.16 -30.92 8.41
C LYS B 99 -22.38 -30.46 6.98
N GLY B 100 -21.27 -30.25 6.26
CA GLY B 100 -21.29 -29.92 4.83
C GLY B 100 -21.73 -28.51 4.51
N GLY B 101 -21.33 -27.55 5.35
CA GLY B 101 -21.63 -26.14 5.11
C GLY B 101 -20.42 -25.33 4.66
N PHE B 102 -20.68 -24.10 4.21
CA PHE B 102 -19.63 -23.15 3.83
C PHE B 102 -19.72 -21.92 4.71
N ILE B 103 -18.59 -21.53 5.29
CA ILE B 103 -18.55 -20.33 6.12
C ILE B 103 -17.45 -19.36 5.65
N PHE B 104 -17.83 -18.08 5.58
CA PHE B 104 -16.90 -16.98 5.37
C PHE B 104 -16.75 -16.24 6.68
N CYS B 105 -15.58 -15.64 6.90
CA CYS B 105 -15.34 -14.82 8.07
C CYS B 105 -15.56 -13.36 7.73
N GLN B 106 -16.37 -12.66 8.51
CA GLN B 106 -16.58 -11.23 8.25
C GLN B 106 -15.54 -10.33 8.92
N LEU B 107 -14.67 -9.75 8.09
CA LEU B 107 -13.64 -8.84 8.57
C LEU B 107 -14.28 -7.49 8.90
N TRP B 108 -14.15 -7.06 10.16
CA TRP B 108 -14.91 -5.92 10.68
C TRP B 108 -14.06 -4.88 11.42
N HIS B 109 -14.02 -3.66 10.89
CA HIS B 109 -13.45 -2.52 11.61
C HIS B 109 -14.55 -1.50 11.83
N VAL B 110 -14.75 -1.10 13.10
CA VAL B 110 -15.84 -0.20 13.47
C VAL B 110 -15.55 1.28 13.22
N GLY B 111 -14.26 1.63 13.15
CA GLY B 111 -13.86 3.02 13.00
C GLY B 111 -14.31 3.82 14.21
N ARG B 112 -15.01 4.93 13.98
CA ARG B 112 -15.46 5.82 15.05
C ARG B 112 -16.53 5.22 15.95
N ALA B 113 -17.13 4.11 15.52
CA ALA B 113 -18.15 3.42 16.31
C ALA B 113 -17.52 2.55 17.40
N SER B 114 -16.75 3.19 18.28
CA SER B 114 -15.98 2.49 19.31
C SER B 114 -15.79 3.35 20.55
N HIS B 115 -15.01 2.84 21.51
CA HIS B 115 -14.73 3.55 22.76
C HIS B 115 -13.27 3.33 23.19
N ALA B 116 -12.75 4.27 23.96
CA ALA B 116 -11.40 4.16 24.55
C ALA B 116 -11.11 2.78 25.15
N VAL B 117 -12.15 2.13 25.68
CA VAL B 117 -12.02 0.82 26.30
C VAL B 117 -11.55 -0.25 25.31
N TYR B 118 -12.01 -0.16 24.06
CA TYR B 118 -11.69 -1.13 23.02
C TYR B 118 -10.46 -0.73 22.20
N GLN B 119 -9.77 0.31 22.63
CA GLN B 119 -8.62 0.86 21.91
C GLN B 119 -7.31 0.53 22.64
N PRO B 120 -6.28 0.13 21.87
CA PRO B 120 -4.94 0.00 22.45
C PRO B 120 -4.53 1.31 23.13
N ASN B 121 -3.95 1.20 24.32
CA ASN B 121 -3.50 2.34 25.10
C ASN B 121 -4.62 3.34 25.42
N GLY B 122 -5.87 2.86 25.38
CA GLY B 122 -7.05 3.71 25.58
C GLY B 122 -7.10 4.95 24.69
N GLY B 123 -6.59 4.83 23.47
CA GLY B 123 -6.53 5.95 22.54
C GLY B 123 -7.87 6.29 21.91
N SER B 124 -7.91 7.40 21.18
CA SER B 124 -9.08 7.75 20.38
C SER B 124 -9.30 6.71 19.28
N PRO B 125 -10.57 6.31 19.06
CA PRO B 125 -10.88 5.48 17.89
C PRO B 125 -10.62 6.23 16.59
N ILE B 126 -10.22 5.47 15.57
CA ILE B 126 -9.82 6.04 14.28
C ILE B 126 -11.00 6.11 13.31
N SER B 127 -11.02 7.15 12.48
CA SER B 127 -12.08 7.32 11.49
C SER B 127 -11.58 8.02 10.24
N SER B 128 -12.50 8.43 9.37
CA SER B 128 -12.15 9.22 8.20
C SER B 128 -12.14 10.70 8.57
N THR B 129 -12.79 11.01 9.68
CA THR B 129 -13.03 12.39 10.09
C THR B 129 -12.81 12.53 11.60
N ASN B 130 -12.90 13.76 12.09
CA ASN B 130 -12.78 14.06 13.51
C ASN B 130 -14.14 14.20 14.19
N LYS B 131 -15.21 14.06 13.40
CA LYS B 131 -16.57 14.25 13.89
C LYS B 131 -17.15 13.00 14.55
N PRO B 132 -17.73 13.16 15.74
CA PRO B 132 -18.33 12.04 16.47
C PRO B 132 -19.70 11.62 15.95
N ILE B 133 -20.01 10.33 16.10
CA ILE B 133 -21.38 9.84 15.93
C ILE B 133 -22.24 10.62 16.91
N SER B 134 -23.27 11.29 16.38
CA SER B 134 -24.16 12.13 17.19
C SER B 134 -24.54 11.51 18.53
N GLU B 135 -24.52 12.33 19.57
CA GLU B 135 -24.79 11.86 20.94
C GLU B 135 -26.27 11.57 21.21
N ASN B 136 -27.14 11.98 20.30
CA ASN B 136 -28.59 11.79 20.45
C ASN B 136 -29.05 10.34 20.39
N ARG B 137 -28.81 9.68 19.27
CA ARG B 137 -29.40 8.37 19.01
C ARG B 137 -28.58 7.23 19.63
N TRP B 138 -27.29 7.23 19.33
CA TRP B 138 -26.47 6.02 19.44
C TRP B 138 -25.63 5.92 20.70
N ARG B 139 -25.46 4.68 21.16
CA ARG B 139 -24.68 4.37 22.36
C ARG B 139 -23.76 3.22 22.08
N VAL B 140 -22.55 3.25 22.66
CA VAL B 140 -21.67 2.09 22.62
C VAL B 140 -21.90 1.25 23.87
N LEU B 141 -21.94 -0.07 23.69
CA LEU B 141 -22.06 -0.99 24.82
C LEU B 141 -20.68 -1.29 25.41
N LEU B 142 -20.48 -0.88 26.65
CA LEU B 142 -19.25 -1.15 27.38
C LEU B 142 -19.28 -2.56 27.98
N PRO B 143 -18.09 -3.17 28.19
CA PRO B 143 -17.98 -4.55 28.70
C PRO B 143 -18.73 -4.87 30.01
N ASP B 144 -19.04 -3.85 30.80
CA ASP B 144 -19.77 -4.05 32.04
C ASP B 144 -21.30 -4.12 31.85
N GLY B 145 -21.76 -3.69 30.67
CA GLY B 145 -23.19 -3.68 30.36
C GLY B 145 -23.78 -2.30 30.17
N SER B 146 -23.05 -1.26 30.56
CA SER B 146 -23.53 0.13 30.46
C SER B 146 -23.45 0.69 29.04
N HIS B 147 -24.24 1.74 28.79
CA HIS B 147 -24.27 2.42 27.49
C HIS B 147 -23.87 3.89 27.63
N VAL B 148 -22.85 4.30 26.88
CA VAL B 148 -22.40 5.71 26.89
C VAL B 148 -22.31 6.30 25.48
N LYS B 149 -22.20 7.63 25.42
CA LYS B 149 -22.02 8.36 24.17
C LYS B 149 -20.71 7.96 23.47
N TYR B 150 -20.69 8.09 22.14
CA TYR B 150 -19.49 7.82 21.35
C TYR B 150 -18.48 8.96 21.48
N PRO B 151 -17.18 8.61 21.62
CA PRO B 151 -16.13 9.63 21.76
C PRO B 151 -15.84 10.35 20.45
N LYS B 152 -15.08 11.44 20.56
CA LYS B 152 -14.56 12.12 19.38
C LYS B 152 -13.51 11.21 18.73
N PRO B 153 -13.68 10.90 17.44
CA PRO B 153 -12.69 10.06 16.74
C PRO B 153 -11.47 10.85 16.32
N ARG B 154 -10.42 10.13 15.91
CA ARG B 154 -9.26 10.75 15.31
C ARG B 154 -9.25 10.41 13.81
N ALA B 155 -9.11 11.44 12.98
CA ALA B 155 -8.99 11.23 11.54
C ALA B 155 -7.67 10.55 11.22
N LEU B 156 -7.74 9.50 10.41
CA LEU B 156 -6.53 8.83 9.94
C LEU B 156 -5.79 9.74 8.96
N GLU B 157 -4.47 9.75 9.07
CA GLU B 157 -3.60 10.41 8.10
C GLU B 157 -3.58 9.60 6.82
N ALA B 158 -3.39 10.26 5.68
CA ALA B 158 -3.25 9.57 4.40
C ALA B 158 -2.27 8.41 4.50
N SER B 159 -1.17 8.63 5.22
CA SER B 159 -0.11 7.63 5.40
C SER B 159 -0.51 6.44 6.28
N GLU B 160 -1.57 6.59 7.08
CA GLU B 160 -2.00 5.56 8.03
C GLU B 160 -2.95 4.55 7.41
N ILE B 161 -3.69 5.00 6.40
CA ILE B 161 -4.69 4.18 5.72
C ILE B 161 -4.16 2.83 5.20
N PRO B 162 -3.01 2.81 4.49
CA PRO B 162 -2.49 1.53 3.98
C PRO B 162 -2.06 0.55 5.08
N ARG B 163 -1.84 1.05 6.30
CA ARG B 163 -1.54 0.19 7.44
C ARG B 163 -2.78 -0.60 7.84
N VAL B 164 -3.93 0.06 7.78
CA VAL B 164 -5.21 -0.57 8.06
C VAL B 164 -5.50 -1.62 6.97
N VAL B 165 -5.24 -1.28 5.72
CA VAL B 165 -5.39 -2.23 4.62
C VAL B 165 -4.55 -3.49 4.87
N GLU B 166 -3.30 -3.29 5.29
CA GLU B 166 -2.42 -4.40 5.64
C GLU B 166 -3.02 -5.28 6.75
N ASP B 167 -3.72 -4.65 7.69
CA ASP B 167 -4.41 -5.37 8.76
C ASP B 167 -5.51 -6.28 8.21
N TYR B 168 -6.23 -5.78 7.20
CA TYR B 168 -7.22 -6.60 6.51
C TYR B 168 -6.55 -7.78 5.80
N CYS B 169 -5.42 -7.52 5.15
CA CYS B 169 -4.68 -8.55 4.42
C CYS B 169 -4.24 -9.69 5.33
N LEU B 170 -3.61 -9.35 6.46
CA LEU B 170 -3.16 -10.34 7.43
C LEU B 170 -4.34 -11.16 7.96
N SER B 171 -5.44 -10.46 8.25
CA SER B 171 -6.66 -11.10 8.72
C SER B 171 -7.23 -12.09 7.70
N ALA B 172 -7.29 -11.67 6.44
CA ALA B 172 -7.80 -12.50 5.36
C ALA B 172 -7.00 -13.81 5.21
N LEU B 173 -5.68 -13.69 5.24
CA LEU B 173 -4.78 -14.85 5.23
C LEU B 173 -5.00 -15.75 6.45
N ASN B 174 -5.09 -15.14 7.62
CA ASN B 174 -5.30 -15.86 8.86
C ASN B 174 -6.60 -16.65 8.89
N ALA B 175 -7.61 -16.11 8.22
CA ALA B 175 -8.92 -16.74 8.11
C ALA B 175 -8.82 -18.05 7.34
N ILE B 176 -8.08 -18.02 6.22
CA ILE B 176 -7.84 -19.21 5.41
C ILE B 176 -7.06 -20.26 6.20
N ARG B 177 -6.14 -19.80 7.05
CA ARG B 177 -5.37 -20.68 7.92
C ARG B 177 -6.28 -21.41 8.90
N ALA B 178 -7.36 -20.75 9.32
CA ALA B 178 -8.33 -21.35 10.23
C ALA B 178 -9.19 -22.40 9.53
N GLY B 179 -9.24 -22.34 8.19
CA GLY B 179 -10.04 -23.26 7.39
C GLY B 179 -11.29 -22.64 6.79
N PHE B 180 -11.48 -21.34 7.01
CA PHE B 180 -12.60 -20.60 6.41
C PHE B 180 -12.57 -20.74 4.88
N ASP B 181 -13.75 -20.77 4.28
CA ASP B 181 -13.85 -20.91 2.82
C ASP B 181 -13.53 -19.60 2.11
N GLY B 182 -13.74 -18.50 2.81
CA GLY B 182 -13.43 -17.18 2.31
C GLY B 182 -13.74 -16.15 3.38
N ILE B 183 -13.81 -14.88 2.97
CA ILE B 183 -14.12 -13.78 3.87
C ILE B 183 -15.10 -12.78 3.26
N GLU B 184 -15.83 -12.07 4.13
CA GLU B 184 -16.63 -10.93 3.72
C GLU B 184 -16.01 -9.67 4.32
N ILE B 185 -15.89 -8.64 3.48
CA ILE B 185 -15.48 -7.32 3.93
C ILE B 185 -16.72 -6.59 4.46
N HIS B 186 -16.72 -6.27 5.75
CA HIS B 186 -17.80 -5.47 6.31
C HIS B 186 -17.55 -4.01 5.96
N GLY B 187 -18.18 -3.55 4.88
CA GLY B 187 -18.14 -2.14 4.49
C GLY B 187 -19.51 -1.47 4.55
N ALA B 188 -20.19 -1.62 5.68
CA ALA B 188 -21.57 -1.17 5.80
C ALA B 188 -21.90 -0.66 7.21
N HIS B 189 -23.13 -0.15 7.35
CA HIS B 189 -23.74 0.14 8.66
C HIS B 189 -23.06 1.23 9.46
N GLY B 190 -22.29 2.08 8.80
CA GLY B 190 -21.68 3.24 9.45
C GLY B 190 -20.33 2.99 10.09
N TYR B 191 -19.74 1.84 9.82
CA TYR B 191 -18.43 1.48 10.38
C TYR B 191 -17.31 1.96 9.46
N LEU B 192 -16.05 1.83 9.88
CA LEU B 192 -14.91 2.51 9.23
C LEU B 192 -15.04 2.74 7.72
N ILE B 193 -15.19 1.66 6.96
CA ILE B 193 -15.30 1.77 5.50
C ILE B 193 -16.44 2.71 5.11
N ASP B 194 -17.63 2.46 5.66
CA ASP B 194 -18.79 3.28 5.36
C ASP B 194 -18.60 4.74 5.75
N GLN B 195 -17.70 4.99 6.69
CA GLN B 195 -17.35 6.34 7.13
C GLN B 195 -16.51 7.05 6.08
N PHE B 196 -15.96 6.28 5.15
CA PHE B 196 -15.29 6.83 3.97
C PHE B 196 -16.28 6.98 2.81
N LEU B 197 -17.15 5.98 2.64
CA LEU B 197 -18.14 5.96 1.57
C LEU B 197 -19.15 7.11 1.66
N LYS B 198 -19.90 7.16 2.75
CA LYS B 198 -20.99 8.12 2.92
C LYS B 198 -20.48 9.57 2.99
N ASP B 199 -21.15 10.48 2.30
CA ASP B 199 -20.71 11.88 2.23
C ASP B 199 -21.24 12.78 3.36
N GLY B 200 -22.11 12.22 4.19
CA GLY B 200 -22.57 12.91 5.40
C GLY B 200 -21.52 12.82 6.49
N ILE B 201 -20.51 11.98 6.27
CA ILE B 201 -19.42 11.77 7.22
C ILE B 201 -18.09 12.25 6.64
N ASN B 202 -17.76 11.72 5.46
CA ASN B 202 -16.49 12.00 4.81
C ASN B 202 -16.40 13.43 4.28
N ASP B 203 -15.79 14.30 5.07
CA ASP B 203 -15.58 15.71 4.71
C ASP B 203 -14.12 15.97 4.34
N ARG B 204 -13.41 14.88 4.04
CA ARG B 204 -11.98 14.93 3.72
C ARG B 204 -11.69 15.71 2.43
N THR B 205 -10.47 16.24 2.36
CA THR B 205 -10.06 17.09 1.25
C THR B 205 -8.78 16.56 0.59
N ASP B 206 -8.34 15.37 1.01
CA ASP B 206 -7.23 14.68 0.35
C ASP B 206 -7.77 13.76 -0.76
N GLN B 207 -7.01 12.74 -1.15
CA GLN B 207 -7.43 11.84 -2.22
C GLN B 207 -8.50 10.82 -1.79
N TYR B 208 -8.96 10.94 -0.54
CA TYR B 208 -9.99 10.06 -0.01
C TYR B 208 -11.32 10.78 0.25
N GLY B 209 -11.45 12.00 -0.28
CA GLY B 209 -12.68 12.77 -0.14
C GLY B 209 -12.91 13.70 -1.33
N GLY B 210 -14.13 14.24 -1.41
CA GLY B 210 -14.52 15.13 -2.51
C GLY B 210 -15.44 14.42 -3.48
N SER B 211 -14.86 13.81 -4.51
CA SER B 211 -15.60 13.03 -5.49
C SER B 211 -16.04 11.67 -4.92
N ILE B 212 -17.04 11.06 -5.55
CA ILE B 212 -17.52 9.73 -5.16
C ILE B 212 -16.44 8.68 -5.37
N ALA B 213 -15.66 8.85 -6.43
CA ALA B 213 -14.51 7.99 -6.71
C ALA B 213 -13.52 8.00 -5.55
N ASN B 214 -13.19 9.21 -5.06
CA ASN B 214 -12.33 9.40 -3.90
C ASN B 214 -12.85 8.71 -2.65
N ARG B 215 -14.17 8.76 -2.46
CA ARG B 215 -14.80 8.16 -1.29
C ARG B 215 -14.78 6.62 -1.34
N CYS B 216 -14.72 6.08 -2.55
CA CYS B 216 -14.61 4.63 -2.76
C CYS B 216 -13.16 4.15 -2.67
N ARG B 217 -12.21 5.09 -2.66
CA ARG B 217 -10.79 4.74 -2.71
C ARG B 217 -10.38 3.79 -1.59
N PHE B 218 -10.86 4.06 -0.38
CA PHE B 218 -10.52 3.22 0.77
C PHE B 218 -11.06 1.79 0.64
N LEU B 219 -12.33 1.66 0.28
CA LEU B 219 -12.93 0.36 -0.01
C LEU B 219 -12.14 -0.36 -1.11
N LYS B 220 -11.81 0.37 -2.17
CA LYS B 220 -11.04 -0.17 -3.31
C LYS B 220 -9.74 -0.83 -2.84
N GLN B 221 -8.96 -0.08 -2.05
CA GLN B 221 -7.68 -0.55 -1.52
C GLN B 221 -7.84 -1.82 -0.70
N VAL B 222 -8.83 -1.81 0.20
CA VAL B 222 -9.11 -2.95 1.07
C VAL B 222 -9.45 -4.17 0.23
N VAL B 223 -10.38 -3.99 -0.70
CA VAL B 223 -10.76 -5.06 -1.62
C VAL B 223 -9.55 -5.52 -2.44
N GLU B 224 -8.84 -4.59 -3.08
CA GLU B 224 -7.63 -4.93 -3.85
C GLU B 224 -6.65 -5.79 -3.06
N GLY B 225 -6.35 -5.37 -1.83
CA GLY B 225 -5.36 -6.05 -1.01
C GLY B 225 -5.75 -7.46 -0.65
N VAL B 226 -6.98 -7.60 -0.17
CA VAL B 226 -7.52 -8.89 0.25
C VAL B 226 -7.60 -9.87 -0.92
N VAL B 227 -8.08 -9.37 -2.06
CA VAL B 227 -8.13 -10.15 -3.29
C VAL B 227 -6.72 -10.64 -3.68
N SER B 228 -5.75 -9.73 -3.67
CA SER B 228 -4.34 -10.10 -3.89
C SER B 228 -3.90 -11.24 -2.98
N ALA B 229 -4.38 -11.24 -1.74
CA ALA B 229 -3.93 -12.18 -0.73
C ALA B 229 -4.54 -13.58 -0.88
N ILE B 230 -5.84 -13.64 -1.16
CA ILE B 230 -6.55 -14.93 -1.12
C ILE B 230 -7.30 -15.28 -2.40
N GLY B 231 -7.35 -14.35 -3.34
CA GLY B 231 -8.07 -14.56 -4.60
C GLY B 231 -9.49 -14.07 -4.50
N ALA B 232 -10.02 -13.54 -5.62
CA ALA B 232 -11.34 -12.90 -5.65
C ALA B 232 -12.47 -13.83 -5.27
N SER B 233 -12.46 -15.05 -5.81
CA SER B 233 -13.53 -16.02 -5.58
C SER B 233 -13.69 -16.40 -4.10
N LYS B 234 -12.75 -15.97 -3.27
CA LYS B 234 -12.77 -16.20 -1.82
C LYS B 234 -13.27 -14.98 -1.06
N VAL B 235 -13.58 -13.91 -1.79
CA VAL B 235 -13.91 -12.60 -1.20
C VAL B 235 -15.33 -12.17 -1.54
N GLY B 236 -16.08 -11.81 -0.50
CA GLY B 236 -17.41 -11.20 -0.64
C GLY B 236 -17.38 -9.81 -0.05
N VAL B 237 -18.29 -8.95 -0.50
CA VAL B 237 -18.32 -7.54 -0.09
C VAL B 237 -19.72 -7.09 0.34
N ARG B 238 -19.84 -6.58 1.57
CA ARG B 238 -21.11 -6.08 2.10
C ARG B 238 -21.17 -4.53 2.22
N VAL B 239 -22.20 -3.93 1.65
CA VAL B 239 -22.42 -2.47 1.72
C VAL B 239 -23.88 -2.11 2.02
N SER B 240 -24.11 -0.91 2.56
CA SER B 240 -25.45 -0.45 2.85
C SER B 240 -25.59 1.02 2.50
N PRO B 241 -25.64 1.34 1.19
CA PRO B 241 -25.70 2.74 0.75
C PRO B 241 -26.90 3.54 1.29
N ALA B 242 -27.97 2.83 1.66
CA ALA B 242 -29.22 3.46 2.09
C ALA B 242 -29.57 3.27 3.57
N ILE B 243 -28.65 2.70 4.34
CA ILE B 243 -28.87 2.54 5.77
C ILE B 243 -28.10 3.64 6.50
N ASP B 244 -28.82 4.41 7.31
CA ASP B 244 -28.23 5.57 8.00
C ASP B 244 -27.77 5.26 9.43
N HIS B 245 -27.72 3.97 9.76
CA HIS B 245 -27.19 3.47 11.03
C HIS B 245 -25.92 4.22 11.43
N LEU B 246 -25.91 4.72 12.67
CA LEU B 246 -24.76 5.42 13.27
C LEU B 246 -24.38 6.75 12.60
N ASP B 247 -25.37 7.45 12.08
CA ASP B 247 -25.16 8.74 11.39
C ASP B 247 -24.57 8.59 9.98
N ALA B 248 -24.78 7.44 9.34
CA ALA B 248 -24.16 7.21 8.05
C ALA B 248 -25.12 7.44 6.88
N THR B 249 -25.32 8.71 6.55
CA THR B 249 -26.19 9.10 5.45
C THR B 249 -25.40 9.65 4.27
N ASP B 250 -25.75 9.19 3.07
CA ASP B 250 -25.25 9.79 1.85
C ASP B 250 -26.39 10.55 1.15
N SER B 251 -26.06 11.70 0.57
CA SER B 251 -27.06 12.53 -0.11
C SER B 251 -27.60 11.87 -1.37
N ASP B 252 -26.82 10.97 -1.95
CA ASP B 252 -27.27 10.23 -3.12
C ASP B 252 -26.93 8.74 -3.02
N PRO B 253 -27.74 7.97 -2.25
CA PRO B 253 -27.56 6.53 -2.07
C PRO B 253 -27.42 5.76 -3.39
N LEU B 254 -28.32 6.00 -4.33
CA LEU B 254 -28.28 5.30 -5.62
C LEU B 254 -26.94 5.44 -6.36
N SER B 255 -26.44 6.66 -6.45
CA SER B 255 -25.20 6.89 -7.18
C SER B 255 -24.01 6.28 -6.43
N LEU B 256 -24.06 6.31 -5.09
CA LEU B 256 -23.01 5.72 -4.27
C LEU B 256 -22.91 4.22 -4.52
N GLY B 257 -24.05 3.53 -4.43
CA GLY B 257 -24.12 2.10 -4.69
C GLY B 257 -23.62 1.72 -6.07
N LEU B 258 -23.97 2.55 -7.06
CA LEU B 258 -23.53 2.35 -8.44
C LEU B 258 -22.02 2.59 -8.59
N ALA B 259 -21.50 3.60 -7.87
CA ALA B 259 -20.06 3.86 -7.85
C ALA B 259 -19.27 2.69 -7.28
N VAL B 260 -19.84 2.03 -6.27
CA VAL B 260 -19.25 0.85 -5.64
C VAL B 260 -19.29 -0.34 -6.60
N VAL B 261 -20.45 -0.53 -7.23
CA VAL B 261 -20.60 -1.56 -8.25
C VAL B 261 -19.60 -1.35 -9.39
N GLY B 262 -19.54 -0.12 -9.90
CA GLY B 262 -18.65 0.24 -11.00
C GLY B 262 -17.19 0.03 -10.66
N MET B 263 -16.82 0.37 -9.43
CA MET B 263 -15.49 0.13 -8.91
C MET B 263 -15.17 -1.37 -8.83
N LEU B 264 -16.11 -2.14 -8.28
CA LEU B 264 -15.93 -3.59 -8.11
C LEU B 264 -15.90 -4.35 -9.43
N ASN B 265 -16.71 -3.91 -10.39
CA ASN B 265 -16.77 -4.53 -11.72
C ASN B 265 -15.48 -4.33 -12.50
N LYS B 266 -14.91 -3.13 -12.37
CA LYS B 266 -13.63 -2.80 -12.98
C LYS B 266 -12.55 -3.60 -12.28
N LEU B 267 -12.69 -3.77 -10.98
CA LEU B 267 -11.73 -4.53 -10.18
C LEU B 267 -11.69 -6.00 -10.58
N GLN B 268 -12.86 -6.56 -10.89
CA GLN B 268 -12.97 -7.94 -11.40
C GLN B 268 -12.41 -8.05 -12.81
N GLY B 269 -12.50 -6.97 -13.58
CA GLY B 269 -11.93 -6.91 -14.92
C GLY B 269 -10.41 -6.89 -14.88
N VAL B 270 -9.85 -5.92 -14.15
CA VAL B 270 -8.40 -5.79 -13.91
C VAL B 270 -7.80 -7.08 -13.34
N ASN B 271 -8.56 -7.74 -12.47
CA ASN B 271 -8.14 -9.00 -11.87
C ASN B 271 -8.27 -10.18 -12.85
N GLY B 272 -9.42 -10.23 -13.55
CA GLY B 272 -9.75 -11.33 -14.45
C GLY B 272 -10.58 -12.43 -13.79
N SER B 273 -11.18 -12.10 -12.64
CA SER B 273 -11.91 -13.08 -11.81
C SER B 273 -13.03 -12.40 -11.03
N LYS B 274 -14.15 -13.11 -10.86
CA LYS B 274 -15.31 -12.59 -10.13
C LYS B 274 -15.20 -12.82 -8.62
N LEU B 275 -15.61 -11.82 -7.84
CA LEU B 275 -15.77 -11.94 -6.40
C LEU B 275 -16.84 -12.97 -6.08
N ALA B 276 -16.78 -13.56 -4.89
CA ALA B 276 -17.76 -14.56 -4.46
C ALA B 276 -19.19 -13.99 -4.51
N TYR B 277 -19.33 -12.73 -4.12
CA TYR B 277 -20.62 -12.04 -4.18
C TYR B 277 -20.53 -10.57 -3.77
N LEU B 278 -21.55 -9.80 -4.16
CA LEU B 278 -21.83 -8.51 -3.56
C LEU B 278 -23.05 -8.67 -2.67
N HIS B 279 -22.99 -8.08 -1.47
CA HIS B 279 -23.97 -8.31 -0.43
C HIS B 279 -24.50 -6.98 0.07
N VAL B 280 -25.75 -6.68 -0.25
CA VAL B 280 -26.33 -5.38 0.08
C VAL B 280 -27.46 -5.54 1.10
N THR B 281 -27.40 -4.75 2.18
CA THR B 281 -28.49 -4.68 3.17
C THR B 281 -29.37 -3.47 2.87
N GLN B 282 -30.68 -3.68 2.90
CA GLN B 282 -31.64 -2.61 2.62
C GLN B 282 -32.43 -2.19 3.86
N PRO B 283 -32.78 -0.89 3.95
CA PRO B 283 -33.63 -0.43 5.05
C PRO B 283 -35.09 -0.84 4.85
N ARG B 284 -35.85 -0.86 5.93
CA ARG B 284 -37.29 -1.14 5.88
C ARG B 284 -38.02 -0.08 6.67
N TYR B 285 -39.01 0.56 6.04
CA TYR B 285 -39.77 1.57 6.74
C TYR B 285 -40.94 0.95 7.47
N HIS B 286 -41.33 1.57 8.59
CA HIS B 286 -42.53 1.16 9.29
C HIS B 286 -43.73 1.94 8.77
N ALA B 287 -44.66 1.22 8.17
CA ALA B 287 -45.86 1.80 7.59
C ALA B 287 -46.97 1.94 8.65
N TYR B 288 -48.11 2.45 8.24
CA TYR B 288 -49.26 2.63 9.12
C TYR B 288 -50.42 1.76 8.68
N GLU B 300 -41.52 0.71 -6.25
CA GLU B 300 -41.23 1.57 -5.10
C GLU B 300 -39.72 1.83 -4.93
N GLU B 301 -39.40 2.93 -4.26
CA GLU B 301 -38.03 3.45 -4.17
C GLU B 301 -37.01 2.53 -3.49
N GLU B 302 -37.45 1.80 -2.48
CA GLU B 302 -36.59 0.85 -1.76
C GLU B 302 -36.22 -0.34 -2.65
N ALA B 303 -37.23 -0.89 -3.33
CA ALA B 303 -37.06 -2.07 -4.17
C ALA B 303 -36.26 -1.77 -5.44
N LYS B 304 -36.49 -0.60 -6.04
CA LYS B 304 -35.86 -0.24 -7.30
C LYS B 304 -34.35 -0.08 -7.18
N LEU B 305 -33.90 0.59 -6.12
CA LEU B 305 -32.47 0.75 -5.85
C LEU B 305 -31.77 -0.61 -5.79
N MET B 306 -32.31 -1.53 -4.99
CA MET B 306 -31.77 -2.88 -4.88
C MET B 306 -31.70 -3.60 -6.22
N LYS B 307 -32.79 -3.53 -6.99
CA LYS B 307 -32.86 -4.14 -8.31
C LYS B 307 -31.86 -3.50 -9.28
N SER B 308 -31.71 -2.19 -9.20
CA SER B 308 -30.77 -1.44 -10.05
C SER B 308 -29.33 -1.84 -9.80
N LEU B 309 -28.97 -2.02 -8.53
CA LEU B 309 -27.61 -2.41 -8.15
C LEU B 309 -27.28 -3.82 -8.60
N ARG B 310 -28.26 -4.72 -8.51
CA ARG B 310 -28.04 -6.11 -8.92
C ARG B 310 -27.86 -6.19 -10.43
N MET B 311 -28.63 -5.40 -11.16
CA MET B 311 -28.56 -5.37 -12.61
C MET B 311 -27.16 -4.96 -13.03
N ALA B 312 -26.66 -3.89 -12.42
CA ALA B 312 -25.37 -3.32 -12.79
C ALA B 312 -24.18 -4.18 -12.39
N TYR B 313 -24.28 -4.89 -11.27
CA TYR B 313 -23.16 -5.69 -10.80
C TYR B 313 -23.04 -7.03 -11.52
N ASN B 314 -21.89 -7.24 -12.13
CA ASN B 314 -21.56 -8.48 -12.82
C ASN B 314 -21.13 -9.59 -11.84
N GLY B 315 -22.09 -10.42 -11.44
CA GLY B 315 -21.82 -11.53 -10.52
C GLY B 315 -22.97 -11.85 -9.58
N THR B 316 -22.64 -12.46 -8.44
CA THR B 316 -23.64 -12.95 -7.50
C THR B 316 -24.12 -11.84 -6.56
N PHE B 317 -25.43 -11.70 -6.45
CA PHE B 317 -26.04 -10.66 -5.64
C PHE B 317 -26.82 -11.24 -4.44
N MET B 318 -26.39 -10.88 -3.23
CA MET B 318 -27.02 -11.35 -2.00
C MET B 318 -27.78 -10.20 -1.33
N SER B 319 -29.10 -10.35 -1.22
CA SER B 319 -29.96 -9.35 -0.58
C SER B 319 -30.19 -9.65 0.89
N SER B 320 -30.38 -8.60 1.69
CA SER B 320 -30.58 -8.73 3.14
C SER B 320 -31.31 -7.54 3.71
N GLY B 321 -32.03 -7.75 4.82
CA GLY B 321 -32.72 -6.67 5.53
C GLY B 321 -34.23 -6.77 5.51
N GLY B 322 -34.80 -7.25 6.62
CA GLY B 322 -36.24 -7.35 6.78
C GLY B 322 -36.90 -8.46 5.97
N PHE B 323 -36.09 -9.29 5.32
CA PHE B 323 -36.62 -10.40 4.52
C PHE B 323 -37.23 -11.49 5.40
N ASN B 324 -38.37 -12.03 4.94
CA ASN B 324 -38.96 -13.24 5.48
C ASN B 324 -38.96 -14.32 4.39
N LYS B 325 -39.75 -15.37 4.57
CA LYS B 325 -39.82 -16.46 3.59
C LYS B 325 -40.36 -15.98 2.25
N GLU B 326 -41.57 -15.42 2.26
CA GLU B 326 -42.27 -15.00 1.04
C GLU B 326 -41.47 -13.97 0.23
N LEU B 327 -40.89 -12.99 0.92
CA LEU B 327 -40.10 -11.96 0.27
C LEU B 327 -38.82 -12.52 -0.37
N GLY B 328 -38.19 -13.47 0.33
CA GLY B 328 -37.04 -14.18 -0.18
C GLY B 328 -37.40 -15.06 -1.36
N MET B 329 -38.56 -15.71 -1.28
CA MET B 329 -39.10 -16.50 -2.39
C MET B 329 -39.30 -15.59 -3.59
N GLN B 330 -39.99 -14.47 -3.36
CA GLN B 330 -40.27 -13.48 -4.38
C GLN B 330 -39.01 -12.96 -5.06
N ALA B 331 -38.03 -12.54 -4.24
CA ALA B 331 -36.77 -11.97 -4.74
C ALA B 331 -36.05 -12.89 -5.73
N VAL B 332 -35.90 -14.16 -5.36
CA VAL B 332 -35.17 -15.14 -6.18
C VAL B 332 -35.98 -15.54 -7.43
N GLN B 333 -37.28 -15.72 -7.26
CA GLN B 333 -38.19 -16.08 -8.37
C GLN B 333 -38.16 -15.01 -9.47
N GLN B 334 -38.15 -13.74 -9.06
CA GLN B 334 -38.14 -12.60 -9.99
C GLN B 334 -36.75 -12.26 -10.51
N GLY B 335 -35.73 -12.92 -9.97
CA GLY B 335 -34.34 -12.66 -10.36
C GLY B 335 -33.75 -11.39 -9.76
N ASP B 336 -34.36 -10.90 -8.67
CA ASP B 336 -33.89 -9.73 -7.94
C ASP B 336 -32.61 -9.99 -7.16
N ALA B 337 -32.38 -11.25 -6.81
CA ALA B 337 -31.26 -11.67 -5.98
C ALA B 337 -30.94 -13.13 -6.19
N ASP B 338 -29.66 -13.47 -6.10
CA ASP B 338 -29.25 -14.86 -6.22
C ASP B 338 -29.30 -15.56 -4.87
N LEU B 339 -28.98 -14.83 -3.82
CA LEU B 339 -29.02 -15.34 -2.45
C LEU B 339 -29.67 -14.32 -1.53
N VAL B 340 -30.34 -14.82 -0.49
CA VAL B 340 -30.99 -13.97 0.49
C VAL B 340 -30.48 -14.37 1.88
N SER B 341 -29.98 -13.39 2.62
CA SER B 341 -29.47 -13.67 3.96
C SER B 341 -30.45 -13.20 5.04
N TYR B 342 -30.48 -13.95 6.14
CA TYR B 342 -31.46 -13.76 7.20
C TYR B 342 -30.78 -13.58 8.55
N GLY B 343 -31.19 -12.53 9.27
CA GLY B 343 -30.62 -12.20 10.56
C GLY B 343 -31.46 -12.72 11.70
N ARG B 344 -32.29 -11.84 12.24
CA ARG B 344 -33.11 -12.13 13.43
C ARG B 344 -33.76 -13.52 13.42
N LEU B 345 -34.36 -13.91 12.30
CA LEU B 345 -35.05 -15.20 12.24
C LEU B 345 -34.11 -16.37 12.47
N PHE B 346 -32.86 -16.24 12.00
CA PHE B 346 -31.88 -17.30 12.13
C PHE B 346 -31.38 -17.45 13.57
N ILE B 347 -31.46 -16.36 14.34
CA ILE B 347 -31.13 -16.36 15.76
C ILE B 347 -32.03 -17.36 16.50
N ALA B 348 -33.34 -17.24 16.27
CA ALA B 348 -34.32 -18.04 16.97
C ALA B 348 -34.58 -19.38 16.30
N ASN B 349 -34.13 -19.52 15.05
CA ASN B 349 -34.49 -20.69 14.26
C ASN B 349 -33.29 -21.28 13.54
N PRO B 350 -32.53 -22.15 14.23
CA PRO B 350 -31.29 -22.70 13.71
C PRO B 350 -31.55 -23.53 12.45
N ASP B 351 -32.73 -24.14 12.40
CA ASP B 351 -33.19 -24.88 11.22
C ASP B 351 -34.19 -24.06 10.40
N LEU B 352 -33.87 -22.78 10.21
CA LEU B 352 -34.71 -21.86 9.45
C LEU B 352 -35.10 -22.41 8.08
N VAL B 353 -34.13 -23.05 7.41
CA VAL B 353 -34.31 -23.54 6.04
C VAL B 353 -35.40 -24.61 5.94
N SER B 354 -35.32 -25.62 6.80
CA SER B 354 -36.31 -26.71 6.82
C SER B 354 -37.67 -26.26 7.36
N ARG B 355 -37.67 -25.22 8.18
CA ARG B 355 -38.91 -24.59 8.63
C ARG B 355 -39.60 -23.87 7.46
N PHE B 356 -38.82 -23.31 6.55
CA PHE B 356 -39.35 -22.66 5.34
C PHE B 356 -39.92 -23.67 4.36
N LYS B 357 -39.28 -24.84 4.27
CA LYS B 357 -39.70 -25.90 3.34
C LYS B 357 -41.10 -26.44 3.63
N ILE B 358 -41.44 -26.55 4.92
CA ILE B 358 -42.73 -27.07 5.35
C ILE B 358 -43.66 -25.97 5.90
N ASP B 359 -43.36 -24.72 5.56
CA ASP B 359 -44.11 -23.55 6.06
C ASP B 359 -44.29 -23.67 7.58
N GLY B 360 -43.22 -24.06 8.26
CA GLY B 360 -43.25 -24.31 9.69
C GLY B 360 -43.46 -23.05 10.50
N GLU B 361 -43.78 -23.22 11.77
CA GLU B 361 -43.90 -22.09 12.69
C GLU B 361 -42.51 -21.66 13.14
N LEU B 362 -42.31 -20.36 13.29
CA LEU B 362 -41.02 -19.81 13.67
C LEU B 362 -40.99 -19.34 15.13
N ASN B 363 -39.94 -19.71 15.85
CA ASN B 363 -39.71 -19.24 17.21
C ASN B 363 -39.51 -17.73 17.25
N LYS B 364 -40.10 -17.08 18.26
CA LYS B 364 -39.88 -15.66 18.49
C LYS B 364 -38.51 -15.46 19.12
N TYR B 365 -37.75 -14.50 18.59
CA TYR B 365 -36.44 -14.17 19.15
C TYR B 365 -36.57 -13.22 20.34
N ASN B 366 -35.67 -13.38 21.32
CA ASN B 366 -35.61 -12.52 22.49
C ASN B 366 -34.45 -11.53 22.34
N ARG B 367 -34.80 -10.25 22.13
CA ARG B 367 -33.81 -9.16 21.96
C ARG B 367 -32.85 -9.00 23.13
N LYS B 368 -33.20 -9.55 24.28
CA LYS B 368 -32.42 -9.36 25.50
C LYS B 368 -31.20 -10.28 25.63
N THR B 369 -31.21 -11.42 24.93
CA THR B 369 -30.04 -12.31 24.94
C THR B 369 -29.24 -12.21 23.63
N PHE B 370 -29.39 -11.08 22.95
CA PHE B 370 -28.67 -10.78 21.73
C PHE B 370 -27.17 -10.62 21.98
N TYR B 371 -26.84 -9.87 23.03
CA TYR B 371 -25.46 -9.48 23.31
C TYR B 371 -24.93 -9.93 24.66
N THR B 372 -25.67 -10.83 25.33
CA THR B 372 -25.24 -11.43 26.60
C THR B 372 -24.12 -12.45 26.38
N GLN B 373 -23.39 -12.76 27.45
CA GLN B 373 -22.19 -13.59 27.36
C GLN B 373 -22.44 -15.07 27.65
N ASP B 374 -23.69 -15.43 27.95
CA ASP B 374 -24.03 -16.80 28.27
C ASP B 374 -23.85 -17.70 27.06
N PRO B 375 -23.03 -18.76 27.19
CA PRO B 375 -22.74 -19.71 26.11
C PRO B 375 -23.95 -20.53 25.65
N VAL B 376 -25.05 -20.50 26.41
CA VAL B 376 -26.25 -21.30 26.11
C VAL B 376 -27.52 -20.43 26.05
N VAL B 377 -27.80 -19.73 27.15
CA VAL B 377 -29.04 -18.95 27.30
C VAL B 377 -29.18 -17.89 26.20
N GLY B 378 -30.20 -18.05 25.38
CA GLY B 378 -30.47 -17.14 24.25
C GLY B 378 -29.50 -17.23 23.09
N TYR B 379 -28.71 -18.30 23.05
CA TYR B 379 -27.69 -18.50 22.03
C TYR B 379 -27.86 -19.85 21.32
N THR B 380 -27.91 -20.93 22.09
CA THR B 380 -28.04 -22.30 21.55
C THR B 380 -29.24 -23.07 22.10
N ASP B 381 -30.02 -22.43 22.97
CA ASP B 381 -31.20 -23.06 23.56
C ASP B 381 -32.51 -22.67 22.86
N TYR B 382 -32.41 -22.36 21.57
CA TYR B 382 -33.59 -22.20 20.73
C TYR B 382 -33.87 -23.54 20.05
N PRO B 383 -35.05 -24.11 20.30
CA PRO B 383 -35.38 -25.49 19.89
C PRO B 383 -35.51 -25.71 18.38
N PHE B 384 -35.13 -26.91 17.95
CA PHE B 384 -35.37 -27.38 16.58
C PHE B 384 -36.79 -27.96 16.48
N LEU B 385 -37.16 -28.42 15.29
CA LEU B 385 -38.41 -29.16 15.11
C LEU B 385 -38.13 -30.67 15.12
N1 FMN C . 22.55 4.02 -9.33
C2 FMN C . 22.24 5.37 -9.42
O2 FMN C . 22.67 6.16 -8.58
N3 FMN C . 21.42 5.81 -10.44
C4 FMN C . 20.92 4.92 -11.37
O4 FMN C . 20.20 5.35 -12.27
C4A FMN C . 21.25 3.57 -11.29
N5 FMN C . 20.77 2.67 -12.22
C5A FMN C . 21.01 1.31 -12.09
C6 FMN C . 20.43 0.41 -12.98
C7 FMN C . 20.67 -0.96 -12.85
C7M FMN C . 20.03 -1.90 -13.84
C8 FMN C . 21.51 -1.43 -11.81
C8M FMN C . 21.80 -2.89 -11.62
C9 FMN C . 22.08 -0.51 -10.93
C9A FMN C . 21.83 0.85 -11.06
N10 FMN C . 22.40 1.78 -10.17
C10 FMN C . 22.07 3.12 -10.26
C1' FMN C . 23.28 1.31 -9.04
C2' FMN C . 22.36 0.94 -7.87
O2' FMN C . 21.80 2.10 -7.29
C3' FMN C . 23.06 0.14 -6.77
O3' FMN C . 23.99 0.99 -6.12
C4' FMN C . 23.72 -1.11 -7.34
O4' FMN C . 22.72 -1.95 -7.87
C5' FMN C . 24.54 -1.88 -6.32
O5' FMN C . 23.70 -2.33 -5.28
P FMN C . 23.12 -3.84 -5.28
O1P FMN C . 24.25 -4.78 -5.05
O2P FMN C . 22.48 -4.16 -6.63
O3P FMN C . 22.09 -3.97 -4.15
CAA 8PG D . 24.20 -6.93 -16.91
CAJ 8PG D . 25.01 -5.80 -16.28
CAK 8PG D . 24.84 -4.50 -17.08
CAO 8PG D . 25.62 -3.34 -16.44
CAR 8PG D . 24.76 -2.57 -15.44
CAV 8PG D . 25.65 -1.93 -14.36
OAE 8PG D . 25.10 -2.20 -13.06
CAH 8PG D . 25.74 -0.42 -14.59
CAI 8PG D . 24.77 0.48 -14.11
CAW 8PG D . 24.96 1.98 -14.39
CAG 8PG D . 23.63 2.65 -14.77
CAF 8PG D . 23.36 3.67 -13.94
CAU 8PG D . 24.29 3.80 -13.01
OAC 8PG D . 24.24 4.67 -12.13
CAX 8PG D . 25.42 2.78 -13.15
CAS 8PG D . 25.56 1.92 -11.87
CAP 8PG D . 27.03 1.82 -11.44
CAM 8PG D . 27.42 0.41 -10.97
CAL 8PG D . 28.91 0.36 -10.61
CAN 8PG D . 29.41 -1.06 -10.29
CAQ 8PG D . 29.78 -1.20 -8.80
CAT 8PG D . 30.93 -2.20 -8.56
OAD 8PG D . 30.63 -3.29 -8.03
OAB 8PG D . 32.08 -1.83 -8.89
N1 FMN E . -24.33 -7.32 10.21
C2 FMN E . -22.99 -7.45 9.90
O2 FMN E . -22.61 -7.27 8.74
N3 FMN E . -22.09 -7.79 10.90
C4 FMN E . -22.51 -7.98 12.20
O4 FMN E . -21.68 -8.28 13.07
C4A FMN E . -23.87 -7.84 12.51
N5 FMN E . -24.35 -8.02 13.79
C5A FMN E . -25.70 -8.12 14.04
C6 FMN E . -26.16 -8.54 15.28
C7 FMN E . -27.53 -8.63 15.53
C7M FMN E . -27.98 -9.10 16.89
C8 FMN E . -28.44 -8.31 14.52
C8M FMN E . -29.93 -8.38 14.74
C9 FMN E . -27.99 -7.87 13.28
C9A FMN E . -26.61 -7.77 13.02
N10 FMN E . -26.13 -7.36 11.79
C10 FMN E . -24.79 -7.50 11.50
C1' FMN E . -27.08 -7.02 10.66
C2' FMN E . -27.59 -8.32 10.03
O2' FMN E . -26.52 -9.08 9.53
C3' FMN E . -28.57 -8.12 8.89
O3' FMN E . -28.12 -7.12 8.01
C4' FMN E . -30.00 -7.81 9.30
O4' FMN E . -30.29 -8.21 10.63
C5' FMN E . -30.88 -8.56 8.32
O5' FMN E . -32.22 -8.29 8.62
P FMN E . -33.10 -9.45 9.28
O1P FMN E . -32.68 -9.57 10.70
O2P FMN E . -32.87 -10.78 8.53
O3P FMN E . -34.57 -9.03 9.18
CAA 8PG F . -33.23 -0.92 19.83
CAJ 8PG F . -32.54 -1.59 18.61
CAK 8PG F . -31.03 -1.80 18.94
CAO 8PG F . -30.19 -1.85 17.64
CAR 8PG F . -29.29 -3.09 17.60
CAV 8PG F . -29.02 -3.54 16.15
OAE 8PG F . -29.27 -4.94 16.01
CAH 8PG F . -27.58 -3.20 15.78
CAI 8PG F . -26.74 -4.04 15.06
CAW 8PG F . -25.31 -3.57 14.76
CAG 8PG F . -24.28 -4.61 15.21
CAF 8PG F . -23.51 -4.99 14.18
CAU 8PG F . -23.86 -4.37 13.05
OAC 8PG F . -23.31 -4.56 11.97
CAX 8PG F . -25.02 -3.40 13.26
CAS 8PG F . -26.21 -3.80 12.36
CAP 8PG F . -26.88 -2.58 11.74
CAM 8PG F . -28.33 -2.87 11.39
CAL 8PG F . -29.02 -1.62 10.83
CAN 8PG F . -30.15 -2.00 9.87
CAQ 8PG F . -31.51 -1.57 10.43
CAT 8PG F . -32.45 -1.11 9.32
OAD 8PG F . -32.98 -2.01 8.62
OAB 8PG F . -32.64 0.12 9.19
#